data_4MN8
#
_entry.id   4MN8
#
_cell.length_a   108.865
_cell.length_b   113.683
_cell.length_c   164.363
_cell.angle_alpha   90.00
_cell.angle_beta   90.00
_cell.angle_gamma   90.00
#
_symmetry.space_group_name_H-M   'P 21 21 21'
#
loop_
_entity.id
_entity.type
_entity.pdbx_description
1 polymer 'LRR receptor-like serine/threonine-protein kinase FLS2'
2 polymer 'BRASSINOSTEROID INSENSITIVE 1-associated receptor kinase 1'
3 polymer flg22
4 branched 2-acetamido-2-deoxy-beta-D-glucopyranose-(1-4)-2-acetamido-2-deoxy-beta-D-glucopyranose
5 non-polymer 2-acetamido-2-deoxy-beta-D-glucopyranose
6 non-polymer 'SULFATE ION'
#
loop_
_entity_poly.entity_id
_entity_poly.type
_entity_poly.pdbx_seq_one_letter_code
_entity_poly.pdbx_strand_id
1 'polypeptide(L)'
;QSFEPEIEALKSFKNGISNDPLGVLSDWTIIGSLRHCNWTGITCDSTGHVVSVSLLEKQLEGVLSPAIANLTYLQVLDLT
SNSFTGKIPAEIGKLTELNQLILYLNYFSGSIPSGIWELKNIFYLDLRNNLLSGDVPEEICKTSSLVLIGFDYNNLTGKI
PECLGDLVHLQMFVAAGNHLTGSIPVSIGTLANLTDLDLSGNQLTGKIPRDFGNLLNLQSLVLTENLLEGDIPAEIGNCS
SLVQLELYDNQLTGKIPAELGNLVQLQALRIYKNKLTSSIPSSLFRLTQLTHLGLSENHLVGPISEEIGFLESLEVLTLH
SNNFTGEFPQSITNLRNLTVLTVGFNNISGELPADLGLLTNLRNLSAHDNLLTGPIPSSISNCTGLKLLDLSHNQMTGEI
PRGFGRMNLTFISIGRNHFTGEIPDDIFNCSNLETLSVADNNLTGTLKPLIGKLQKLRILQVSYNSLTGPIPREIGNLKD
LNILYLHSNGFTGRIPREMSNLTLLQGLRMYSNDLEGPIPEEMFDMKLLSVLDLSNNKFSGQIPALFSKLESLTYLSLQG
NKFNGSIPASLKSLSLLNTFDISDNLLTGTIPGELLASLKNMQLYLNFSNNLLTGTIPKELGKLEMVQEIDLSNNLFSGS
IPRSLQACKNVFTLDFSQNNLSGHIPDEVFQGMDMIISLNLSRNSFSGEIPQSFGNMTHLVSLDLSSNNLTGEIPESLAN
LSTLKHLKLASNNLKGHVPESGVFKNINASDLMGNTDLCGSKKPLKPCTIKQKSSHHHHHHH
;
A
2 'polypeptide(L)'
;MERRLMIPCFFWLILVLDLVLRVSGNAEGDALSALKNSLADPNKVLQSWDATLVTPCTWFHVTCNSDNSVTRVDLGNANL
SGQLVMQLGQLPNLQYLELYSNNITGTIPEQLGNLTELVSLDLYLNNLSGPIPSTLGRLKKLRFLRLNNNSLSGEIPRSL
TAVLTLQVLDLSNNPLTGDIPVNGSFSLFTPISFANTKLTPLPASPPPPISPTPPSPAGSHHHHHH
;
B
3 'polypeptide(L)' QRLSTGSRINSAKDDAAGLQIA C
#
# COMPACT_ATOMS: atom_id res chain seq x y z
N SER A 2 41.05 -48.58 -2.14
CA SER A 2 41.26 -47.94 -3.43
C SER A 2 40.66 -48.76 -4.56
N PHE A 3 39.86 -49.75 -4.18
CA PHE A 3 39.33 -50.73 -5.13
C PHE A 3 37.93 -50.41 -5.66
N GLU A 4 37.36 -51.37 -6.37
CA GLU A 4 36.07 -51.25 -7.05
C GLU A 4 34.86 -50.62 -6.33
N PRO A 5 34.58 -50.99 -5.06
CA PRO A 5 33.36 -50.47 -4.41
C PRO A 5 33.18 -48.96 -4.47
N GLU A 6 34.26 -48.22 -4.22
CA GLU A 6 34.24 -46.77 -4.33
C GLU A 6 33.97 -46.33 -5.76
N ILE A 7 34.64 -46.97 -6.71
CA ILE A 7 34.45 -46.69 -8.13
C ILE A 7 32.98 -46.84 -8.52
N GLU A 8 32.36 -47.91 -8.05
CA GLU A 8 30.96 -48.19 -8.33
C GLU A 8 30.07 -47.14 -7.68
N ALA A 9 30.45 -46.71 -6.48
CA ALA A 9 29.70 -45.66 -5.80
C ALA A 9 29.71 -44.39 -6.62
N LEU A 10 30.90 -44.00 -7.07
CA LEU A 10 31.06 -42.78 -7.87
C LEU A 10 30.33 -42.85 -9.20
N LYS A 11 30.41 -43.99 -9.87
CA LYS A 11 29.70 -44.19 -11.13
C LYS A 11 28.20 -44.10 -10.91
N SER A 12 27.72 -44.72 -9.83
CA SER A 12 26.30 -44.72 -9.52
C SER A 12 25.84 -43.35 -9.05
N PHE A 13 26.79 -42.50 -8.66
CA PHE A 13 26.49 -41.10 -8.37
C PHE A 13 26.40 -40.29 -9.67
N LYS A 14 27.32 -40.58 -10.58
CA LYS A 14 27.34 -39.94 -11.89
C LYS A 14 26.01 -40.17 -12.59
N ASN A 15 25.65 -41.44 -12.73
CA ASN A 15 24.30 -41.79 -13.12
C ASN A 15 23.38 -41.27 -12.03
N GLY A 16 22.22 -40.75 -12.39
CA GLY A 16 21.37 -40.09 -11.42
C GLY A 16 21.55 -38.59 -11.50
N ILE A 17 22.67 -38.16 -12.07
CA ILE A 17 22.83 -36.76 -12.44
C ILE A 17 22.34 -36.64 -13.87
N SER A 18 21.19 -35.98 -14.04
CA SER A 18 20.48 -36.00 -15.30
C SER A 18 21.04 -35.01 -16.32
N ASN A 19 21.55 -33.88 -15.84
CA ASN A 19 22.04 -32.84 -16.73
C ASN A 19 23.38 -32.28 -16.30
N ASP A 20 24.36 -32.33 -17.20
CA ASP A 20 25.68 -31.75 -16.96
C ASP A 20 26.10 -30.96 -18.20
N PRO A 21 25.61 -29.72 -18.32
CA PRO A 21 25.85 -28.90 -19.51
C PRO A 21 27.31 -28.50 -19.65
N LEU A 22 27.97 -28.24 -18.53
CA LEU A 22 29.36 -27.82 -18.53
C LEU A 22 30.29 -28.99 -18.87
N GLY A 23 29.74 -30.21 -18.83
CA GLY A 23 30.48 -31.39 -19.19
C GLY A 23 31.60 -31.72 -18.22
N VAL A 24 31.36 -31.40 -16.94
CA VAL A 24 32.34 -31.67 -15.89
C VAL A 24 32.60 -33.17 -15.76
N LEU A 25 31.53 -33.92 -15.52
CA LEU A 25 31.62 -35.37 -15.31
C LEU A 25 32.22 -36.13 -16.51
N SER A 26 32.23 -35.49 -17.67
CA SER A 26 32.87 -36.07 -18.85
C SER A 26 34.32 -36.42 -18.54
N ASP A 27 34.95 -35.59 -17.72
CA ASP A 27 36.31 -35.85 -17.25
C ASP A 27 36.40 -37.26 -16.70
N TRP A 28 35.50 -37.58 -15.78
CA TRP A 28 35.44 -38.90 -15.16
C TRP A 28 35.45 -40.02 -16.20
N THR A 29 34.74 -39.79 -17.30
CA THR A 29 34.65 -40.79 -18.35
C THR A 29 35.98 -40.96 -19.07
N ILE A 30 36.62 -39.85 -19.40
CA ILE A 30 37.80 -39.89 -20.27
C ILE A 30 39.08 -40.31 -19.55
N ILE A 31 39.22 -39.90 -18.28
CA ILE A 31 40.42 -40.23 -17.51
C ILE A 31 40.55 -41.74 -17.24
N GLY A 32 39.41 -42.38 -16.95
CA GLY A 32 39.40 -43.81 -16.69
C GLY A 32 39.17 -44.14 -15.24
N SER A 33 38.79 -45.40 -14.98
CA SER A 33 38.39 -45.83 -13.65
C SER A 33 39.55 -46.02 -12.68
N LEU A 34 40.72 -46.37 -13.20
CA LEU A 34 41.88 -46.63 -12.34
C LEU A 34 42.53 -45.34 -11.86
N ARG A 35 42.47 -44.32 -12.71
CA ARG A 35 43.08 -43.01 -12.41
C ARG A 35 42.08 -42.12 -11.67
N HIS A 36 40.96 -42.70 -11.26
CA HIS A 36 39.81 -41.99 -10.72
C HIS A 36 40.13 -40.99 -9.60
N CYS A 37 41.22 -41.20 -8.87
CA CYS A 37 41.62 -40.26 -7.84
C CYS A 37 42.05 -38.91 -8.41
N ASN A 38 42.25 -38.86 -9.72
CA ASN A 38 42.58 -37.61 -10.40
C ASN A 38 41.33 -36.95 -11.00
N TRP A 39 40.18 -37.56 -10.79
CA TRP A 39 38.91 -37.04 -11.31
C TRP A 39 38.57 -35.67 -10.73
N THR A 40 37.90 -34.85 -11.53
CA THR A 40 37.49 -33.52 -11.12
C THR A 40 36.55 -33.58 -9.92
N GLY A 41 36.91 -32.87 -8.86
CA GLY A 41 36.09 -32.83 -7.66
C GLY A 41 36.43 -33.92 -6.69
N ILE A 42 37.07 -34.97 -7.19
CA ILE A 42 37.44 -36.10 -6.37
C ILE A 42 38.88 -35.97 -5.89
N THR A 43 39.06 -36.08 -4.57
CA THR A 43 40.40 -36.16 -4.00
C THR A 43 40.48 -37.32 -3.02
N CYS A 44 41.58 -38.07 -3.10
CA CYS A 44 41.79 -39.22 -2.21
C CYS A 44 42.82 -38.90 -1.13
N ASP A 45 43.05 -39.86 -0.24
CA ASP A 45 44.07 -39.71 0.78
C ASP A 45 45.37 -40.38 0.36
N SER A 46 46.33 -40.46 1.28
CA SER A 46 47.60 -41.11 1.00
C SER A 46 47.41 -42.58 0.66
N THR A 47 46.45 -43.21 1.33
CA THR A 47 46.18 -44.64 1.15
C THR A 47 45.36 -44.92 -0.11
N GLY A 48 44.83 -43.86 -0.73
CA GLY A 48 44.15 -43.99 -1.99
C GLY A 48 42.64 -44.07 -1.92
N HIS A 49 42.08 -43.85 -0.74
CA HIS A 49 40.64 -43.87 -0.57
C HIS A 49 40.03 -42.50 -0.84
N VAL A 50 38.87 -42.48 -1.51
CA VAL A 50 38.16 -41.23 -1.75
C VAL A 50 37.79 -40.56 -0.43
N VAL A 51 38.20 -39.30 -0.27
CA VAL A 51 37.87 -38.55 0.93
C VAL A 51 36.91 -37.39 0.64
N SER A 52 37.34 -36.47 -0.22
CA SER A 52 36.52 -35.31 -0.55
C SER A 52 35.86 -35.39 -1.91
N VAL A 53 34.52 -35.30 -1.93
CA VAL A 53 33.80 -35.07 -3.17
C VAL A 53 33.33 -33.62 -3.19
N SER A 54 33.93 -32.81 -4.05
CA SER A 54 33.62 -31.38 -4.08
C SER A 54 33.30 -30.90 -5.49
N LEU A 55 32.04 -30.53 -5.71
CA LEU A 55 31.61 -29.99 -7.00
C LEU A 55 30.77 -28.75 -6.75
N LEU A 56 31.27 -27.60 -7.19
CA LEU A 56 30.61 -26.34 -6.91
C LEU A 56 30.37 -25.53 -8.17
N GLU A 57 29.16 -24.99 -8.29
CA GLU A 57 28.74 -24.22 -9.47
C GLU A 57 29.03 -24.96 -10.78
N LYS A 58 28.82 -26.27 -10.76
CA LYS A 58 29.02 -27.08 -11.95
C LYS A 58 27.71 -27.29 -12.71
N GLN A 59 26.64 -26.68 -12.20
CA GLN A 59 25.32 -26.69 -12.83
C GLN A 59 24.80 -28.11 -13.06
N LEU A 60 24.89 -28.94 -12.03
CA LEU A 60 24.47 -30.33 -12.13
C LEU A 60 22.99 -30.49 -11.76
N GLU A 61 22.22 -31.13 -12.63
CA GLU A 61 20.84 -31.48 -12.32
C GLU A 61 20.71 -32.98 -12.02
N GLY A 62 19.51 -33.39 -11.64
CA GLY A 62 19.28 -34.75 -11.19
C GLY A 62 19.26 -34.86 -9.69
N VAL A 63 19.46 -36.08 -9.19
CA VAL A 63 19.30 -36.37 -7.77
C VAL A 63 20.61 -36.88 -7.20
N LEU A 64 20.75 -36.83 -5.87
CA LEU A 64 21.94 -37.36 -5.23
C LEU A 64 21.72 -38.83 -4.89
N SER A 65 22.44 -39.69 -5.60
CA SER A 65 22.31 -41.13 -5.43
C SER A 65 22.77 -41.56 -4.05
N PRO A 66 22.03 -42.48 -3.42
CA PRO A 66 22.35 -43.01 -2.09
C PRO A 66 23.70 -43.73 -2.07
N ALA A 67 24.20 -44.05 -3.26
CA ALA A 67 25.47 -44.75 -3.41
C ALA A 67 26.65 -44.01 -2.79
N ILE A 68 26.46 -42.72 -2.48
CA ILE A 68 27.49 -41.95 -1.79
C ILE A 68 27.80 -42.55 -0.43
N ALA A 69 26.81 -43.23 0.15
CA ALA A 69 27.00 -43.90 1.43
C ALA A 69 28.04 -45.01 1.33
N ASN A 70 28.30 -45.47 0.11
CA ASN A 70 29.30 -46.51 -0.13
C ASN A 70 30.73 -45.96 -0.27
N LEU A 71 30.89 -44.64 -0.14
CA LEU A 71 32.23 -44.08 0.02
C LEU A 71 32.42 -43.98 1.52
N THR A 72 33.24 -44.86 2.09
CA THR A 72 33.31 -44.97 3.55
C THR A 72 34.21 -43.92 4.20
N TYR A 73 35.30 -43.58 3.52
CA TYR A 73 36.33 -42.72 4.08
C TYR A 73 36.02 -41.25 3.82
N LEU A 74 34.86 -41.01 3.22
CA LEU A 74 34.41 -39.66 2.90
C LEU A 74 34.37 -38.76 4.13
N GLN A 75 35.00 -37.60 4.02
CA GLN A 75 35.00 -36.60 5.08
C GLN A 75 34.15 -35.40 4.67
N VAL A 76 34.54 -34.75 3.58
CA VAL A 76 33.79 -33.62 3.06
C VAL A 76 33.04 -33.95 1.77
N LEU A 77 31.73 -33.69 1.77
CA LEU A 77 30.93 -33.73 0.56
C LEU A 77 30.42 -32.31 0.28
N ASP A 78 30.93 -31.68 -0.77
CA ASP A 78 30.52 -30.32 -1.09
C ASP A 78 29.78 -30.24 -2.44
N LEU A 79 28.47 -30.05 -2.35
CA LEU A 79 27.60 -29.89 -3.51
C LEU A 79 27.20 -28.45 -3.85
N THR A 80 27.83 -27.48 -3.19
CA THR A 80 27.40 -26.08 -3.18
C THR A 80 27.03 -25.48 -4.55
N SER A 81 25.87 -24.85 -4.59
CA SER A 81 25.37 -24.12 -5.76
C SER A 81 25.21 -25.00 -7.00
N ASN A 82 24.26 -25.94 -6.92
CA ASN A 82 23.87 -26.75 -8.08
C ASN A 82 22.36 -26.91 -8.16
N SER A 83 21.92 -27.72 -9.11
CA SER A 83 20.49 -27.97 -9.33
C SER A 83 19.92 -29.25 -8.69
N PHE A 84 20.70 -29.93 -7.85
CA PHE A 84 20.28 -31.20 -7.24
C PHE A 84 18.89 -31.14 -6.61
N THR A 85 18.05 -32.11 -6.96
CA THR A 85 16.70 -32.18 -6.44
C THR A 85 16.49 -33.47 -5.66
N GLY A 86 15.28 -33.67 -5.15
CA GLY A 86 14.95 -34.87 -4.41
C GLY A 86 15.30 -34.76 -2.93
N LYS A 87 15.33 -35.89 -2.26
CA LYS A 87 15.62 -35.93 -0.83
C LYS A 87 17.05 -36.38 -0.57
N ILE A 88 17.65 -35.84 0.48
CA ILE A 88 18.96 -36.29 0.91
C ILE A 88 18.85 -37.76 1.30
N PRO A 89 19.71 -38.62 0.71
CA PRO A 89 19.66 -40.07 0.95
C PRO A 89 19.73 -40.43 2.44
N ALA A 90 18.81 -41.28 2.87
CA ALA A 90 18.67 -41.59 4.29
C ALA A 90 19.82 -42.45 4.82
N GLU A 91 20.58 -43.03 3.89
CA GLU A 91 21.69 -43.91 4.25
C GLU A 91 22.93 -43.09 4.60
N ILE A 92 22.80 -41.77 4.51
CA ILE A 92 23.92 -40.85 4.71
C ILE A 92 24.53 -40.95 6.10
N GLY A 93 23.78 -41.54 7.04
CA GLY A 93 24.28 -41.76 8.38
C GLY A 93 25.44 -42.74 8.43
N LYS A 94 25.62 -43.48 7.33
CA LYS A 94 26.61 -44.55 7.29
C LYS A 94 28.05 -44.09 7.07
N LEU A 95 28.23 -42.83 6.68
CA LEU A 95 29.56 -42.34 6.34
C LEU A 95 30.53 -42.35 7.51
N THR A 96 30.13 -41.73 8.62
CA THR A 96 30.78 -41.86 9.93
C THR A 96 32.13 -41.14 9.99
N GLU A 97 32.73 -40.93 8.83
CA GLU A 97 33.95 -40.14 8.74
C GLU A 97 33.63 -38.74 8.26
N LEU A 98 32.35 -38.48 8.06
CA LEU A 98 31.93 -37.25 7.40
C LEU A 98 32.21 -36.06 8.30
N ASN A 99 33.01 -35.14 7.78
CA ASN A 99 33.39 -33.93 8.50
C ASN A 99 32.40 -32.83 8.20
N GLN A 100 32.35 -32.45 6.92
CA GLN A 100 31.45 -31.39 6.48
C GLN A 100 30.51 -31.86 5.37
N LEU A 101 29.22 -31.69 5.60
CA LEU A 101 28.21 -31.94 4.58
C LEU A 101 27.65 -30.59 4.13
N ILE A 102 28.01 -30.15 2.93
CA ILE A 102 27.54 -28.87 2.44
C ILE A 102 26.65 -29.01 1.20
N LEU A 103 25.35 -28.88 1.42
CA LEU A 103 24.36 -28.98 0.36
C LEU A 103 23.86 -27.62 -0.14
N TYR A 104 24.53 -26.58 0.35
CA TYR A 104 24.13 -25.18 0.19
C TYR A 104 23.78 -24.78 -1.25
N LEU A 105 22.66 -24.08 -1.39
CA LEU A 105 22.14 -23.65 -2.68
C LEU A 105 21.82 -24.77 -3.64
N ASN A 106 20.79 -25.54 -3.31
CA ASN A 106 20.25 -26.57 -4.19
C ASN A 106 18.75 -26.68 -3.99
N TYR A 107 18.15 -27.67 -4.65
CA TYR A 107 16.71 -27.92 -4.56
C TYR A 107 16.24 -29.03 -3.61
N PHE A 108 17.15 -29.57 -2.81
CA PHE A 108 16.87 -30.72 -1.94
C PHE A 108 15.60 -30.52 -1.12
N SER A 109 14.79 -31.58 -1.02
CA SER A 109 13.52 -31.51 -0.32
C SER A 109 13.33 -32.65 0.67
N GLY A 110 12.15 -32.69 1.30
CA GLY A 110 11.86 -33.69 2.30
C GLY A 110 12.48 -33.34 3.65
N SER A 111 12.22 -34.18 4.65
CA SER A 111 12.78 -33.98 5.97
C SER A 111 14.27 -34.29 5.97
N ILE A 112 15.01 -33.63 6.86
CA ILE A 112 16.43 -33.93 7.03
C ILE A 112 16.57 -35.36 7.53
N PRO A 113 17.39 -36.16 6.85
CA PRO A 113 17.62 -37.56 7.25
C PRO A 113 18.05 -37.67 8.70
N SER A 114 17.38 -38.55 9.45
CA SER A 114 17.67 -38.77 10.86
C SER A 114 19.10 -39.25 11.02
N GLY A 115 19.57 -39.98 10.02
CA GLY A 115 20.92 -40.52 10.00
C GLY A 115 22.00 -39.49 10.25
N ILE A 116 21.77 -38.27 9.77
CA ILE A 116 22.75 -37.20 9.91
C ILE A 116 23.07 -36.93 11.39
N TRP A 117 22.04 -37.03 12.23
CA TRP A 117 22.19 -36.66 13.63
C TRP A 117 23.01 -37.68 14.43
N GLU A 118 23.21 -38.86 13.85
CA GLU A 118 23.92 -39.93 14.54
C GLU A 118 25.44 -39.83 14.34
N LEU A 119 25.85 -38.97 13.42
CA LEU A 119 27.27 -38.82 13.09
C LEU A 119 28.06 -38.17 14.22
N LYS A 120 29.14 -38.80 14.64
CA LYS A 120 29.97 -38.26 15.72
C LYS A 120 31.13 -37.40 15.23
N ASN A 121 31.40 -37.44 13.93
CA ASN A 121 32.52 -36.68 13.36
C ASN A 121 32.18 -35.35 12.67
N ILE A 122 30.91 -34.99 12.61
CA ILE A 122 30.48 -33.87 11.77
C ILE A 122 30.50 -32.50 12.47
N PHE A 123 31.32 -31.60 11.95
CA PHE A 123 31.33 -30.23 12.45
C PHE A 123 30.53 -29.23 11.60
N TYR A 124 30.90 -29.12 10.33
CA TYR A 124 30.30 -28.16 9.42
C TYR A 124 29.11 -28.81 8.71
N LEU A 125 27.89 -28.35 9.03
CA LEU A 125 26.69 -28.80 8.35
C LEU A 125 25.95 -27.64 7.69
N ASP A 126 25.99 -27.57 6.36
CA ASP A 126 25.33 -26.47 5.66
C ASP A 126 24.19 -26.98 4.77
N LEU A 127 22.97 -26.79 5.24
CA LEU A 127 21.76 -27.11 4.46
C LEU A 127 21.08 -25.88 3.85
N ARG A 128 21.69 -24.71 4.02
CA ARG A 128 21.09 -23.44 3.62
C ARG A 128 20.64 -23.41 2.17
N ASN A 129 19.54 -22.72 1.93
CA ASN A 129 18.98 -22.56 0.59
C ASN A 129 18.61 -23.87 -0.08
N ASN A 130 17.59 -24.52 0.46
CA ASN A 130 17.00 -25.70 -0.13
C ASN A 130 15.50 -25.74 0.15
N LEU A 131 14.86 -26.83 -0.26
CA LEU A 131 13.41 -26.99 -0.06
C LEU A 131 13.04 -27.80 1.18
N LEU A 132 14.04 -28.16 1.98
CA LEU A 132 13.83 -29.07 3.12
C LEU A 132 12.70 -28.65 4.04
N SER A 133 11.83 -29.61 4.34
CA SER A 133 10.69 -29.38 5.22
C SER A 133 10.84 -30.20 6.49
N GLY A 134 9.83 -30.14 7.35
CA GLY A 134 9.88 -30.83 8.63
C GLY A 134 10.40 -29.92 9.72
N ASP A 135 10.97 -30.49 10.77
CA ASP A 135 11.45 -29.70 11.88
C ASP A 135 12.88 -30.07 12.26
N VAL A 136 13.52 -29.20 13.04
CA VAL A 136 14.79 -29.56 13.66
C VAL A 136 14.51 -30.47 14.85
N PRO A 137 14.96 -31.73 14.77
CA PRO A 137 14.67 -32.73 15.80
C PRO A 137 15.46 -32.48 17.08
N GLU A 138 14.96 -33.02 18.19
CA GLU A 138 15.67 -32.93 19.47
C GLU A 138 17.01 -33.65 19.36
N GLU A 139 17.04 -34.67 18.49
CA GLU A 139 18.22 -35.47 18.24
C GLU A 139 19.47 -34.65 17.90
N ILE A 140 19.28 -33.48 17.30
CA ILE A 140 20.39 -32.63 16.92
C ILE A 140 21.24 -32.25 18.13
N CYS A 141 20.63 -32.27 19.31
CA CYS A 141 21.35 -31.89 20.52
C CYS A 141 22.40 -32.93 20.89
N LYS A 142 22.20 -34.16 20.43
CA LYS A 142 23.10 -35.26 20.77
C LYS A 142 24.27 -35.42 19.81
N THR A 143 24.23 -34.74 18.67
CA THR A 143 25.38 -34.79 17.78
C THR A 143 26.26 -33.63 18.17
N SER A 144 27.36 -33.96 18.84
CA SER A 144 28.10 -32.98 19.63
C SER A 144 29.31 -32.41 18.93
N SER A 145 29.58 -32.90 17.72
CA SER A 145 30.73 -32.45 16.96
C SER A 145 30.39 -31.19 16.19
N LEU A 146 29.10 -30.83 16.17
CA LEU A 146 28.62 -29.69 15.40
C LEU A 146 29.19 -28.36 15.88
N VAL A 147 29.58 -27.54 14.92
CA VAL A 147 30.16 -26.23 15.16
C VAL A 147 29.38 -25.18 14.37
N LEU A 148 29.33 -25.37 13.06
CA LEU A 148 28.57 -24.48 12.19
C LEU A 148 27.33 -25.16 11.59
N ILE A 149 26.13 -24.72 11.99
CA ILE A 149 24.90 -25.24 11.37
C ILE A 149 24.11 -24.18 10.58
N GLY A 150 24.19 -24.20 9.26
CA GLY A 150 23.24 -23.45 8.44
C GLY A 150 21.89 -24.10 8.16
N PHE A 151 20.79 -23.53 8.62
CA PHE A 151 19.46 -23.93 8.16
C PHE A 151 18.77 -22.93 7.22
N ASP A 152 19.45 -21.83 6.92
CA ASP A 152 18.83 -20.67 6.30
C ASP A 152 18.05 -20.94 5.01
N TYR A 153 16.85 -20.37 4.95
CA TYR A 153 15.99 -20.42 3.76
C TYR A 153 15.63 -21.84 3.32
N ASN A 154 14.82 -22.48 4.17
CA ASN A 154 14.21 -23.76 3.87
C ASN A 154 12.75 -23.66 4.30
N ASN A 155 12.03 -24.77 4.25
CA ASN A 155 10.65 -24.81 4.71
C ASN A 155 10.49 -25.28 6.17
N LEU A 156 11.61 -25.45 6.87
CA LEU A 156 11.60 -26.03 8.22
C LEU A 156 10.59 -25.37 9.17
N THR A 157 9.90 -26.20 9.94
CA THR A 157 8.83 -25.77 10.82
C THR A 157 9.03 -26.28 12.24
N GLY A 158 8.04 -26.06 13.09
CA GLY A 158 8.10 -26.51 14.46
C GLY A 158 8.93 -25.58 15.34
N LYS A 159 9.43 -26.12 16.45
CA LYS A 159 10.14 -25.32 17.44
C LYS A 159 11.62 -25.64 17.49
N ILE A 160 12.43 -24.66 17.89
CA ILE A 160 13.85 -24.88 18.09
C ILE A 160 14.04 -25.73 19.34
N PRO A 161 14.78 -26.84 19.21
CA PRO A 161 15.01 -27.75 20.34
C PRO A 161 15.59 -27.02 21.55
N GLU A 162 14.96 -27.20 22.70
CA GLU A 162 15.32 -26.46 23.91
C GLU A 162 16.64 -26.95 24.50
N CYS A 163 17.09 -28.11 24.04
CA CYS A 163 18.29 -28.74 24.55
C CYS A 163 19.53 -28.29 23.80
N LEU A 164 19.36 -27.31 22.91
CA LEU A 164 20.42 -26.87 22.01
C LEU A 164 21.71 -26.45 22.69
N GLY A 165 21.62 -26.04 23.95
CA GLY A 165 22.80 -25.67 24.72
C GLY A 165 23.78 -26.81 24.89
N ASP A 166 23.30 -28.01 24.68
CA ASP A 166 24.11 -29.19 24.75
C ASP A 166 25.10 -29.15 23.63
N LEU A 167 24.75 -28.47 22.56
CA LEU A 167 25.56 -28.51 21.38
C LEU A 167 26.67 -27.59 21.70
N VAL A 168 27.57 -28.09 22.52
CA VAL A 168 28.57 -27.28 23.16
C VAL A 168 29.54 -26.57 22.27
N HIS A 169 29.94 -27.18 21.19
CA HIS A 169 30.96 -26.60 20.39
C HIS A 169 30.47 -25.53 19.45
N LEU A 170 29.18 -25.32 19.41
CA LEU A 170 28.61 -24.46 18.41
C LEU A 170 29.23 -23.12 18.42
N GLN A 171 29.55 -22.63 17.23
CA GLN A 171 30.05 -21.30 17.05
C GLN A 171 29.06 -20.50 16.26
N MET A 172 28.35 -21.18 15.38
CA MET A 172 27.32 -20.59 14.54
C MET A 172 26.05 -21.43 14.40
N PHE A 173 24.90 -20.80 14.62
CA PHE A 173 23.61 -21.43 14.34
C PHE A 173 22.75 -20.43 13.59
N VAL A 174 22.41 -20.74 12.33
CA VAL A 174 21.56 -19.85 11.55
C VAL A 174 20.36 -20.57 10.92
N ALA A 175 19.17 -20.28 11.46
CA ALA A 175 17.91 -20.84 10.97
C ALA A 175 17.08 -19.88 10.10
N ALA A 176 17.63 -18.72 9.80
CA ALA A 176 16.87 -17.61 9.22
C ALA A 176 16.08 -17.94 7.95
N GLY A 177 14.89 -17.34 7.84
CA GLY A 177 14.06 -17.51 6.66
C GLY A 177 13.31 -18.83 6.64
N ASN A 178 12.79 -19.21 7.79
CA ASN A 178 12.03 -20.45 7.92
C ASN A 178 10.70 -20.21 8.62
N HIS A 179 9.98 -21.30 8.87
CA HIS A 179 8.68 -21.23 9.54
C HIS A 179 8.67 -21.52 11.05
N LEU A 180 9.86 -21.61 11.65
CA LEU A 180 9.98 -21.92 13.08
C LEU A 180 9.08 -21.07 13.96
N THR A 181 8.48 -21.72 14.95
CA THR A 181 7.57 -21.08 15.88
C THR A 181 8.01 -21.35 17.33
N GLY A 182 7.20 -20.92 18.28
CA GLY A 182 7.55 -21.06 19.68
C GLY A 182 8.60 -20.04 20.08
N SER A 183 9.22 -20.24 21.23
CA SER A 183 10.16 -19.26 21.75
C SER A 183 11.61 -19.63 21.48
N ILE A 184 12.51 -18.75 21.90
CA ILE A 184 13.94 -18.98 21.76
C ILE A 184 14.44 -19.74 22.97
N PRO A 185 15.06 -20.90 22.77
CA PRO A 185 15.57 -21.70 23.88
C PRO A 185 16.59 -20.95 24.69
N VAL A 186 16.38 -20.89 26.01
CA VAL A 186 17.28 -20.15 26.90
C VAL A 186 18.64 -20.84 26.97
N SER A 187 18.65 -22.16 26.79
CA SER A 187 19.88 -22.94 26.80
C SER A 187 20.90 -22.46 25.77
N ILE A 188 20.40 -21.82 24.72
CA ILE A 188 21.26 -21.27 23.68
C ILE A 188 22.29 -20.31 24.29
N GLY A 189 21.88 -19.61 25.35
CA GLY A 189 22.75 -18.66 26.00
C GLY A 189 23.91 -19.30 26.76
N THR A 190 23.98 -20.63 26.73
CA THR A 190 25.06 -21.35 27.41
C THR A 190 26.20 -21.74 26.47
N LEU A 191 26.13 -21.33 25.20
CA LEU A 191 27.19 -21.68 24.26
C LEU A 191 28.23 -20.57 24.29
N ALA A 192 29.39 -20.88 24.88
CA ALA A 192 30.39 -19.85 25.16
C ALA A 192 31.25 -19.54 23.95
N ASN A 193 31.33 -20.46 23.01
CA ASN A 193 32.08 -20.25 21.78
C ASN A 193 31.18 -19.77 20.63
N LEU A 194 29.92 -19.50 20.94
CA LEU A 194 28.98 -19.01 19.94
C LEU A 194 29.34 -17.60 19.46
N THR A 195 29.46 -17.46 18.15
CA THR A 195 29.75 -16.17 17.54
C THR A 195 28.53 -15.59 16.82
N ASP A 196 28.03 -16.32 15.83
CA ASP A 196 26.93 -15.85 15.00
C ASP A 196 25.63 -16.61 15.24
N LEU A 197 24.55 -15.87 15.50
CA LEU A 197 23.21 -16.44 15.64
C LEU A 197 22.17 -15.66 14.83
N ASP A 198 21.59 -16.30 13.83
CA ASP A 198 20.52 -15.67 13.03
C ASP A 198 19.24 -16.49 13.07
N LEU A 199 18.25 -15.99 13.79
CA LEU A 199 16.90 -16.57 13.81
C LEU A 199 15.88 -15.82 12.95
N SER A 200 16.35 -14.79 12.25
CA SER A 200 15.47 -13.84 11.57
C SER A 200 14.50 -14.45 10.56
N GLY A 201 13.36 -13.80 10.39
CA GLY A 201 12.40 -14.20 9.38
C GLY A 201 11.65 -15.45 9.75
N ASN A 202 11.23 -15.51 11.00
CA ASN A 202 10.46 -16.64 11.50
C ASN A 202 9.24 -16.16 12.28
N GLN A 203 8.52 -17.11 12.85
CA GLN A 203 7.35 -16.80 13.67
C GLN A 203 7.63 -16.80 15.18
N LEU A 204 8.91 -16.90 15.55
CA LEU A 204 9.30 -17.05 16.96
C LEU A 204 8.68 -15.99 17.87
N THR A 205 8.29 -16.41 19.07
CA THR A 205 7.59 -15.53 20.00
C THR A 205 8.25 -15.47 21.36
N GLY A 206 7.61 -14.75 22.27
CA GLY A 206 8.11 -14.61 23.62
C GLY A 206 9.28 -13.66 23.73
N LYS A 207 9.87 -13.60 24.93
CA LYS A 207 10.97 -12.69 25.22
C LYS A 207 12.33 -13.18 24.73
N ILE A 208 13.24 -12.24 24.51
CA ILE A 208 14.64 -12.55 24.30
C ILE A 208 15.22 -13.02 25.62
N PRO A 209 15.92 -14.17 25.62
CA PRO A 209 16.47 -14.71 26.86
C PRO A 209 17.48 -13.77 27.51
N ARG A 210 17.31 -13.50 28.80
CA ARG A 210 18.22 -12.63 29.55
C ARG A 210 19.63 -13.22 29.56
N ASP A 211 19.69 -14.55 29.70
CA ASP A 211 20.96 -15.24 29.81
C ASP A 211 21.81 -15.13 28.54
N PHE A 212 21.22 -14.56 27.49
CA PHE A 212 21.99 -14.21 26.28
C PHE A 212 23.14 -13.27 26.61
N GLY A 213 23.03 -12.59 27.75
CA GLY A 213 24.10 -11.73 28.20
C GLY A 213 25.37 -12.49 28.54
N ASN A 214 25.27 -13.82 28.58
CA ASN A 214 26.40 -14.66 28.91
C ASN A 214 27.25 -15.05 27.71
N LEU A 215 26.83 -14.66 26.51
CA LEU A 215 27.60 -15.04 25.32
C LEU A 215 28.58 -13.93 25.07
N LEU A 216 29.85 -14.20 25.37
CA LEU A 216 30.88 -13.18 25.27
C LEU A 216 31.64 -13.23 23.95
N ASN A 217 31.44 -14.29 23.19
CA ASN A 217 32.06 -14.40 21.88
C ASN A 217 31.10 -14.01 20.77
N LEU A 218 29.88 -13.68 21.16
CA LEU A 218 28.82 -13.34 20.22
C LEU A 218 29.14 -12.07 19.46
N GLN A 219 29.08 -12.15 18.14
CA GLN A 219 29.36 -11.03 17.26
C GLN A 219 28.06 -10.53 16.61
N SER A 220 27.41 -11.40 15.86
CA SER A 220 26.13 -11.07 15.25
C SER A 220 24.95 -11.71 15.99
N LEU A 221 24.04 -10.89 16.47
CA LEU A 221 22.77 -11.37 17.01
C LEU A 221 21.64 -10.85 16.12
N VAL A 222 21.03 -11.74 15.34
CA VAL A 222 19.97 -11.32 14.44
C VAL A 222 18.65 -12.03 14.73
N LEU A 223 17.73 -11.29 15.34
CA LEU A 223 16.37 -11.78 15.63
C LEU A 223 15.25 -11.24 14.73
N THR A 224 15.60 -10.48 13.70
CA THR A 224 14.64 -9.64 12.99
C THR A 224 13.48 -10.35 12.30
N GLU A 225 12.40 -9.59 12.06
CA GLU A 225 11.21 -10.09 11.37
C GLU A 225 10.58 -11.28 12.07
N ASN A 226 10.39 -11.14 13.38
CA ASN A 226 9.73 -12.17 14.18
C ASN A 226 8.61 -11.57 15.01
N LEU A 227 8.03 -12.39 15.87
CA LEU A 227 6.95 -11.97 16.76
C LEU A 227 7.41 -11.61 18.18
N LEU A 228 8.73 -11.59 18.40
CA LEU A 228 9.30 -11.45 19.74
C LEU A 228 8.72 -10.28 20.54
N GLU A 229 8.49 -10.51 21.83
CA GLU A 229 7.82 -9.54 22.68
C GLU A 229 8.66 -9.19 23.91
N GLY A 230 8.08 -8.39 24.79
CA GLY A 230 8.78 -7.93 25.98
C GLY A 230 9.74 -6.81 25.62
N ASP A 231 10.81 -6.68 26.40
CA ASP A 231 11.76 -5.60 26.16
C ASP A 231 13.15 -6.16 25.91
N ILE A 232 14.00 -5.35 25.29
CA ILE A 232 15.40 -5.71 25.09
C ILE A 232 16.06 -5.87 26.46
N PRO A 233 16.57 -7.07 26.75
CA PRO A 233 17.18 -7.30 28.06
C PRO A 233 18.45 -6.49 28.25
N ALA A 234 18.56 -5.82 29.40
CA ALA A 234 19.73 -5.03 29.72
C ALA A 234 20.98 -5.90 29.78
N GLU A 235 20.78 -7.19 30.02
CA GLU A 235 21.86 -8.17 30.05
C GLU A 235 22.66 -8.19 28.76
N ILE A 236 22.01 -7.88 27.64
CA ILE A 236 22.68 -7.81 26.34
C ILE A 236 23.87 -6.86 26.39
N GLY A 237 23.81 -5.88 27.28
CA GLY A 237 24.89 -4.93 27.47
C GLY A 237 26.22 -5.57 27.85
N ASN A 238 26.19 -6.83 28.25
CA ASN A 238 27.41 -7.55 28.62
C ASN A 238 28.07 -8.38 27.52
N CYS A 239 27.54 -8.31 26.30
CA CYS A 239 28.20 -9.02 25.20
C CYS A 239 29.16 -8.04 24.56
N SER A 240 30.45 -8.21 24.81
CA SER A 240 31.45 -7.22 24.43
C SER A 240 32.00 -7.46 23.03
N SER A 241 31.75 -8.64 22.50
CA SER A 241 32.25 -9.00 21.19
C SER A 241 31.26 -8.67 20.08
N LEU A 242 30.17 -7.99 20.45
CA LEU A 242 29.07 -7.85 19.53
C LEU A 242 29.35 -6.69 18.58
N VAL A 243 29.55 -7.04 17.31
CA VAL A 243 29.73 -6.08 16.24
C VAL A 243 28.39 -5.62 15.66
N GLN A 244 27.43 -6.55 15.61
CA GLN A 244 26.16 -6.31 14.92
C GLN A 244 24.98 -6.81 15.74
N LEU A 245 24.00 -5.93 15.97
CA LEU A 245 22.80 -6.31 16.69
C LEU A 245 21.55 -5.92 15.90
N GLU A 246 20.83 -6.92 15.40
CA GLU A 246 19.63 -6.66 14.61
C GLU A 246 18.39 -7.19 15.31
N LEU A 247 17.62 -6.29 15.92
CA LEU A 247 16.35 -6.64 16.55
C LEU A 247 15.09 -6.22 15.79
N TYR A 248 15.28 -5.63 14.61
CA TYR A 248 14.18 -4.90 13.96
C TYR A 248 12.97 -5.74 13.51
N ASP A 249 11.86 -5.06 13.30
CA ASP A 249 10.60 -5.68 12.86
C ASP A 249 10.11 -6.72 13.87
N ASN A 250 9.76 -6.25 15.06
CA ASN A 250 9.28 -7.12 16.13
C ASN A 250 8.29 -6.39 17.04
N GLN A 251 7.87 -7.07 18.10
CA GLN A 251 6.96 -6.50 19.09
C GLN A 251 7.65 -5.95 20.33
N LEU A 252 8.99 -5.89 20.31
CA LEU A 252 9.77 -5.46 21.48
C LEU A 252 9.28 -4.12 22.04
N THR A 253 9.21 -4.03 23.37
CA THR A 253 8.67 -2.85 24.04
C THR A 253 9.64 -2.26 25.07
N GLY A 254 9.16 -1.27 25.81
CA GLY A 254 9.94 -0.63 26.86
C GLY A 254 11.04 0.27 26.33
N LYS A 255 11.80 0.86 27.24
CA LYS A 255 12.89 1.75 26.85
C LYS A 255 14.11 0.96 26.37
N ILE A 256 14.93 1.60 25.55
CA ILE A 256 16.18 1.00 25.12
C ILE A 256 17.14 0.93 26.30
N PRO A 257 17.73 -0.25 26.54
CA PRO A 257 18.66 -0.44 27.65
C PRO A 257 19.86 0.47 27.53
N ALA A 258 20.18 1.20 28.60
CA ALA A 258 21.33 2.08 28.59
C ALA A 258 22.61 1.25 28.46
N GLU A 259 22.53 0.02 28.93
CA GLU A 259 23.68 -0.88 28.94
C GLU A 259 24.13 -1.27 27.54
N LEU A 260 23.28 -1.01 26.55
CA LEU A 260 23.65 -1.24 25.16
C LEU A 260 24.82 -0.32 24.79
N GLY A 261 24.94 0.78 25.54
CA GLY A 261 26.04 1.71 25.36
C GLY A 261 27.38 1.09 25.69
N ASN A 262 27.35 -0.08 26.33
CA ASN A 262 28.58 -0.77 26.69
C ASN A 262 29.17 -1.61 25.55
N LEU A 263 28.40 -1.83 24.50
CA LEU A 263 28.94 -2.63 23.40
C LEU A 263 29.57 -1.67 22.44
N VAL A 264 30.90 -1.59 22.49
CA VAL A 264 31.63 -0.57 21.76
C VAL A 264 32.21 -1.09 20.46
N GLN A 265 32.03 -2.39 20.22
CA GLN A 265 32.47 -2.99 18.98
C GLN A 265 31.34 -2.86 17.97
N LEU A 266 30.19 -2.40 18.45
CA LEU A 266 28.98 -2.28 17.64
C LEU A 266 29.18 -1.40 16.41
N GLN A 267 28.78 -1.93 15.27
CA GLN A 267 28.78 -1.20 14.01
C GLN A 267 27.33 -0.95 13.61
N ALA A 268 26.57 -2.03 13.44
CA ALA A 268 25.15 -1.92 13.15
C ALA A 268 24.31 -2.17 14.40
N LEU A 269 23.51 -1.17 14.77
CA LEU A 269 22.45 -1.35 15.74
C LEU A 269 21.12 -0.97 15.09
N ARG A 270 20.27 -1.95 14.80
CA ARG A 270 18.97 -1.63 14.24
C ARG A 270 17.84 -2.28 15.03
N ILE A 271 17.15 -1.49 15.82
CA ILE A 271 15.99 -1.91 16.59
C ILE A 271 14.63 -1.47 16.02
N TYR A 272 14.66 -0.92 14.82
CA TYR A 272 13.50 -0.24 14.23
C TYR A 272 12.29 -1.12 14.00
N LYS A 273 11.13 -0.49 13.82
CA LYS A 273 9.86 -1.20 13.65
C LYS A 273 9.56 -2.06 14.87
N ASN A 274 9.35 -1.39 15.99
CA ASN A 274 9.05 -2.03 17.26
C ASN A 274 8.18 -1.14 18.13
N LYS A 275 7.89 -1.59 19.33
CA LYS A 275 7.05 -0.85 20.26
C LYS A 275 7.83 0.02 21.27
N LEU A 276 9.15 0.12 21.08
CA LEU A 276 10.04 0.75 22.08
C LEU A 276 9.62 2.16 22.50
N THR A 277 9.89 2.50 23.76
CA THR A 277 9.40 3.74 24.35
C THR A 277 10.45 4.58 25.06
N SER A 278 9.96 5.63 25.72
CA SER A 278 10.78 6.65 26.38
C SER A 278 11.75 7.37 25.44
N SER A 279 12.94 7.66 25.95
CA SER A 279 13.89 8.49 25.20
C SER A 279 15.19 7.76 24.96
N ILE A 280 15.92 8.18 23.93
CA ILE A 280 17.21 7.59 23.61
C ILE A 280 18.22 7.85 24.73
N PRO A 281 18.76 6.76 25.30
CA PRO A 281 19.79 6.87 26.34
C PRO A 281 21.05 7.47 25.76
N SER A 282 21.62 8.47 26.44
CA SER A 282 22.82 9.15 25.94
C SER A 282 23.99 8.19 25.74
N SER A 283 23.96 7.08 26.46
CA SER A 283 25.01 6.07 26.39
C SER A 283 25.20 5.52 24.98
N LEU A 284 24.15 5.58 24.17
CA LEU A 284 24.22 5.08 22.79
C LEU A 284 25.21 5.88 21.97
N PHE A 285 25.46 7.11 22.39
CA PHE A 285 26.38 7.99 21.68
C PHE A 285 27.82 7.64 22.02
N ARG A 286 27.98 6.72 22.96
CA ARG A 286 29.30 6.19 23.29
C ARG A 286 29.73 5.09 22.32
N LEU A 287 28.85 4.67 21.42
CA LEU A 287 29.25 3.68 20.43
C LEU A 287 29.72 4.47 19.24
N THR A 288 31.04 4.52 19.05
CA THR A 288 31.64 5.39 18.06
C THR A 288 31.98 4.65 16.77
N GLN A 289 31.78 3.34 16.79
CA GLN A 289 32.06 2.53 15.62
C GLN A 289 30.80 2.30 14.82
N LEU A 290 29.69 2.84 15.31
CA LEU A 290 28.42 2.70 14.61
C LEU A 290 28.48 3.28 13.21
N THR A 291 28.13 2.46 12.24
CA THR A 291 27.96 2.89 10.86
C THR A 291 26.47 3.04 10.59
N HIS A 292 25.75 1.92 10.71
CA HIS A 292 24.31 1.92 10.58
C HIS A 292 23.63 1.95 11.95
N LEU A 293 22.73 2.92 12.12
CA LEU A 293 21.87 2.97 13.30
C LEU A 293 20.50 3.43 12.88
N GLY A 294 19.45 2.75 13.32
CA GLY A 294 18.16 3.40 13.27
C GLY A 294 17.15 2.94 14.30
N LEU A 295 16.41 3.94 14.77
CA LEU A 295 15.40 3.81 15.80
C LEU A 295 13.98 3.91 15.24
N SER A 296 13.89 4.01 13.92
CA SER A 296 12.65 4.42 13.27
C SER A 296 11.49 3.46 13.50
N GLU A 297 10.27 3.95 13.26
CA GLU A 297 9.05 3.17 13.45
C GLU A 297 8.94 2.65 14.88
N ASN A 298 9.14 3.55 15.84
CA ASN A 298 8.95 3.23 17.24
C ASN A 298 8.16 4.33 17.95
N HIS A 299 7.98 4.17 19.25
CA HIS A 299 7.29 5.16 20.08
C HIS A 299 8.19 6.14 20.83
N LEU A 300 9.49 6.11 20.54
CA LEU A 300 10.48 6.91 21.26
C LEU A 300 10.14 8.40 21.35
N VAL A 301 10.42 9.00 22.50
CA VAL A 301 10.11 10.39 22.75
C VAL A 301 11.34 11.20 23.13
N GLY A 302 11.13 12.48 23.44
CA GLY A 302 12.22 13.36 23.82
C GLY A 302 12.96 13.89 22.61
N PRO A 303 14.10 14.56 22.83
CA PRO A 303 14.87 15.16 21.75
C PRO A 303 15.93 14.23 21.20
N ILE A 304 16.64 14.71 20.18
CA ILE A 304 17.80 14.02 19.67
C ILE A 304 19.02 14.81 20.11
N SER A 305 19.77 14.25 21.05
CA SER A 305 20.89 14.97 21.66
C SER A 305 21.94 15.35 20.63
N GLU A 306 22.61 16.48 20.86
CA GLU A 306 23.68 16.95 19.98
C GLU A 306 24.82 15.92 19.90
N GLU A 307 24.83 15.02 20.87
CA GLU A 307 25.88 14.02 21.00
C GLU A 307 25.93 13.00 19.86
N ILE A 308 24.94 12.99 18.98
CA ILE A 308 25.05 12.17 17.77
C ILE A 308 26.28 12.58 16.99
N GLY A 309 26.71 13.83 17.20
CA GLY A 309 27.89 14.35 16.54
C GLY A 309 29.12 13.53 16.84
N PHE A 310 29.07 12.72 17.90
CA PHE A 310 30.22 11.92 18.31
C PHE A 310 30.41 10.66 17.47
N LEU A 311 29.32 10.16 16.88
CA LEU A 311 29.36 8.87 16.19
C LEU A 311 30.39 8.86 15.07
N GLU A 312 30.23 9.77 14.11
CA GLU A 312 31.28 10.14 13.16
C GLU A 312 31.69 9.05 12.16
N SER A 313 31.35 7.80 12.46
CA SER A 313 31.55 6.73 11.51
C SER A 313 30.21 6.46 10.86
N LEU A 314 29.21 7.19 11.34
CA LEU A 314 27.81 6.96 11.00
C LEU A 314 27.55 7.13 9.51
N GLU A 315 26.85 6.17 8.92
CA GLU A 315 26.55 6.18 7.50
C GLU A 315 25.06 6.35 7.26
N VAL A 316 24.25 5.42 7.76
CA VAL A 316 22.80 5.54 7.67
C VAL A 316 22.15 5.75 9.04
N LEU A 317 21.28 6.76 9.13
CA LEU A 317 20.57 7.06 10.36
C LEU A 317 19.08 7.18 10.10
N THR A 318 18.27 6.27 10.65
CA THR A 318 16.83 6.41 10.52
C THR A 318 16.14 6.65 11.87
N LEU A 319 15.74 7.89 12.09
CA LEU A 319 14.97 8.27 13.27
C LEU A 319 13.48 8.46 13.02
N HIS A 320 13.06 8.21 11.77
CA HIS A 320 11.72 8.58 11.33
C HIS A 320 10.56 7.81 11.97
N SER A 321 9.36 8.38 11.87
CA SER A 321 8.15 7.78 12.43
C SER A 321 8.24 7.55 13.95
N ASN A 322 8.63 8.58 14.67
CA ASN A 322 8.65 8.54 16.13
C ASN A 322 7.98 9.78 16.71
N ASN A 323 8.03 9.91 18.03
CA ASN A 323 7.51 11.10 18.71
C ASN A 323 8.52 12.20 19.07
N PHE A 324 9.74 12.07 18.55
CA PHE A 324 10.83 13.01 18.86
C PHE A 324 10.43 14.47 18.76
N THR A 325 10.87 15.27 19.73
CA THR A 325 10.53 16.69 19.79
C THR A 325 11.78 17.54 20.02
N GLY A 326 11.56 18.85 20.18
CA GLY A 326 12.65 19.76 20.49
C GLY A 326 13.48 20.16 19.30
N GLU A 327 14.62 20.79 19.58
CA GLU A 327 15.50 21.34 18.55
C GLU A 327 16.12 20.26 17.65
N PHE A 328 16.38 20.61 16.40
CA PHE A 328 17.05 19.72 15.46
C PHE A 328 18.50 19.54 15.86
N PRO A 329 19.07 18.35 15.58
CA PRO A 329 20.47 18.05 15.91
C PRO A 329 21.47 18.77 15.01
N GLN A 330 21.78 20.02 15.36
CA GLN A 330 22.70 20.86 14.59
C GLN A 330 24.06 20.22 14.33
N SER A 331 24.47 19.32 15.20
CA SER A 331 25.81 18.73 15.12
C SER A 331 25.85 17.55 14.14
N ILE A 332 24.73 17.34 13.45
CA ILE A 332 24.62 16.29 12.43
C ILE A 332 25.71 16.41 11.36
N THR A 333 26.25 17.62 11.20
CA THR A 333 27.29 17.87 10.20
C THR A 333 28.65 17.29 10.60
N ASN A 334 28.74 16.76 11.82
CA ASN A 334 29.99 16.17 12.30
C ASN A 334 30.27 14.83 11.63
N LEU A 335 29.23 14.18 11.11
CA LEU A 335 29.41 12.89 10.49
C LEU A 335 29.44 13.07 8.99
N ARG A 336 30.64 12.96 8.42
CA ARG A 336 30.82 13.24 6.99
C ARG A 336 30.75 11.98 6.15
N ASN A 337 30.65 10.84 6.80
CA ASN A 337 30.39 9.58 6.12
C ASN A 337 28.90 9.38 5.90
N LEU A 338 28.11 10.27 6.49
CA LEU A 338 26.66 10.16 6.48
C LEU A 338 26.11 10.18 5.06
N THR A 339 25.25 9.22 4.76
CA THR A 339 24.61 9.11 3.45
C THR A 339 23.10 9.30 3.59
N VAL A 340 22.47 8.42 4.36
CA VAL A 340 21.05 8.53 4.64
C VAL A 340 20.76 9.11 6.03
N LEU A 341 19.92 10.13 6.09
CA LEU A 341 19.40 10.65 7.36
C LEU A 341 17.90 10.88 7.25
N THR A 342 17.13 10.17 8.08
CA THR A 342 15.67 10.35 8.06
C THR A 342 15.10 10.64 9.45
N VAL A 343 14.66 11.88 9.65
CA VAL A 343 13.94 12.27 10.85
C VAL A 343 12.42 12.37 10.68
N GLY A 344 11.92 12.00 9.51
CA GLY A 344 10.55 12.28 9.13
C GLY A 344 9.48 11.76 10.08
N PHE A 345 8.28 12.31 9.98
CA PHE A 345 7.18 11.98 10.89
C PHE A 345 7.57 12.08 12.36
N ASN A 346 7.87 13.30 12.79
CA ASN A 346 8.13 13.60 14.20
C ASN A 346 7.64 15.01 14.50
N ASN A 347 7.81 15.43 15.74
CA ASN A 347 7.52 16.81 16.14
C ASN A 347 8.74 17.73 16.19
N ILE A 348 9.89 17.22 15.73
CA ILE A 348 11.15 17.97 15.76
C ILE A 348 11.04 19.38 15.16
N SER A 349 11.58 20.36 15.88
CA SER A 349 11.53 21.74 15.46
C SER A 349 12.92 22.35 15.38
N GLY A 350 12.98 23.65 15.09
CA GLY A 350 14.24 24.34 14.94
C GLY A 350 14.62 24.48 13.47
N GLU A 351 15.89 24.79 13.21
CA GLU A 351 16.35 24.98 11.85
C GLU A 351 17.46 24.02 11.46
N LEU A 352 17.50 23.68 10.18
CA LEU A 352 18.62 22.93 9.62
C LEU A 352 19.90 23.72 9.80
N PRO A 353 21.01 23.02 10.07
CA PRO A 353 22.28 23.73 10.28
C PRO A 353 22.83 24.31 8.99
N ALA A 354 23.41 25.51 9.08
CA ALA A 354 24.25 26.01 8.00
C ALA A 354 25.49 25.12 7.97
N ASP A 355 26.12 25.06 6.81
CA ASP A 355 27.26 24.20 6.63
C ASP A 355 26.74 22.78 6.55
N LEU A 356 25.45 22.69 6.39
CA LEU A 356 24.81 21.42 6.22
C LEU A 356 25.49 20.96 4.97
N GLY A 357 25.95 21.92 4.20
CA GLY A 357 26.55 21.63 2.93
C GLY A 357 27.78 20.82 3.20
N LEU A 358 28.16 20.79 4.45
CA LEU A 358 29.37 20.09 4.85
C LEU A 358 29.36 18.62 4.55
N LEU A 359 28.20 17.99 4.65
CA LEU A 359 28.11 16.55 4.52
C LEU A 359 28.58 15.99 3.19
N THR A 360 28.21 16.61 2.09
CA THR A 360 28.77 16.15 0.83
C THR A 360 28.28 14.80 0.37
N ASN A 361 28.46 13.80 1.21
CA ASN A 361 28.06 12.43 0.88
C ASN A 361 26.57 12.16 0.94
N LEU A 362 25.85 13.07 1.55
CA LEU A 362 24.43 12.96 1.83
C LEU A 362 23.68 12.53 0.58
N ARG A 363 22.93 11.45 0.69
CA ARG A 363 22.10 10.97 -0.42
C ARG A 363 20.64 11.28 -0.12
N ASN A 364 20.13 10.69 0.98
CA ASN A 364 18.76 10.92 1.42
C ASN A 364 18.65 11.90 2.57
N LEU A 365 17.90 12.97 2.39
CA LEU A 365 17.50 13.80 3.51
C LEU A 365 15.99 13.85 3.63
N SER A 366 15.44 13.19 4.66
CA SER A 366 14.01 13.26 4.90
C SER A 366 13.72 13.91 6.24
N ALA A 367 13.28 15.16 6.20
CA ALA A 367 12.79 15.87 7.39
C ALA A 367 11.27 15.98 7.45
N HIS A 368 10.59 15.39 6.48
CA HIS A 368 9.17 15.67 6.23
C HIS A 368 8.27 15.48 7.44
N ASP A 369 7.20 16.29 7.49
CA ASP A 369 6.25 16.27 8.60
C ASP A 369 6.90 16.54 9.94
N ASN A 370 7.37 17.77 10.11
CA ASN A 370 7.95 18.21 11.38
C ASN A 370 7.66 19.68 11.62
N LEU A 371 8.22 20.23 12.69
CA LEU A 371 8.01 21.62 13.05
C LEU A 371 9.11 22.56 12.56
N LEU A 372 10.04 22.04 11.77
CA LEU A 372 11.19 22.80 11.29
C LEU A 372 10.82 24.11 10.61
N THR A 373 11.48 25.19 11.03
CA THR A 373 11.32 26.49 10.41
C THR A 373 12.66 26.90 9.80
N GLY A 374 12.72 28.12 9.30
CA GLY A 374 13.97 28.65 8.77
C GLY A 374 14.19 28.28 7.32
N PRO A 375 15.22 28.89 6.71
CA PRO A 375 15.54 28.69 5.30
C PRO A 375 16.26 27.38 5.07
N ILE A 376 16.11 26.82 3.87
CA ILE A 376 16.95 25.72 3.45
C ILE A 376 18.36 26.29 3.37
N PRO A 377 19.30 25.69 4.11
CA PRO A 377 20.67 26.20 4.18
C PRO A 377 21.30 26.29 2.78
N SER A 378 21.88 27.45 2.47
CA SER A 378 22.49 27.68 1.16
C SER A 378 23.65 26.71 0.96
N SER A 379 24.26 26.32 2.07
CA SER A 379 25.37 25.38 2.04
C SER A 379 24.97 24.02 1.46
N ILE A 380 23.67 23.78 1.30
CA ILE A 380 23.19 22.55 0.67
C ILE A 380 23.67 22.47 -0.78
N SER A 381 24.13 23.59 -1.32
CA SER A 381 24.75 23.59 -2.64
C SER A 381 25.93 22.62 -2.67
N ASN A 382 26.61 22.48 -1.53
CA ASN A 382 27.80 21.66 -1.43
C ASN A 382 27.55 20.17 -1.18
N CYS A 383 26.29 19.76 -1.13
CA CYS A 383 26.01 18.34 -1.11
C CYS A 383 25.83 17.95 -2.57
N THR A 384 26.83 17.28 -3.12
CA THR A 384 26.85 16.96 -4.54
C THR A 384 26.29 15.57 -4.81
N GLY A 385 26.11 14.80 -3.74
CA GLY A 385 25.64 13.43 -3.86
C GLY A 385 24.20 13.26 -3.46
N LEU A 386 23.41 14.32 -3.50
CA LEU A 386 22.07 14.26 -2.94
C LEU A 386 21.06 13.86 -3.99
N LYS A 387 20.57 12.63 -3.88
CA LYS A 387 19.54 12.11 -4.77
C LYS A 387 18.12 12.46 -4.32
N LEU A 388 17.93 12.54 -3.01
CA LEU A 388 16.58 12.71 -2.45
C LEU A 388 16.53 13.79 -1.38
N LEU A 389 15.63 14.76 -1.58
CA LEU A 389 15.36 15.76 -0.56
C LEU A 389 13.87 15.88 -0.28
N ASP A 390 13.43 15.45 0.90
CA ASP A 390 12.05 15.68 1.31
C ASP A 390 12.01 16.57 2.54
N LEU A 391 11.70 17.84 2.32
CA LEU A 391 11.47 18.79 3.41
C LEU A 391 9.99 19.09 3.65
N SER A 392 9.12 18.40 2.91
CA SER A 392 7.72 18.77 2.81
C SER A 392 6.98 18.74 4.16
N HIS A 393 5.88 19.49 4.22
CA HIS A 393 5.06 19.60 5.42
C HIS A 393 5.87 20.08 6.62
N ASN A 394 6.29 21.34 6.55
CA ASN A 394 7.02 21.98 7.63
C ASN A 394 6.74 23.48 7.66
N GLN A 395 7.36 24.17 8.61
CA GLN A 395 7.18 25.61 8.77
C GLN A 395 8.26 26.45 8.08
N MET A 396 9.12 25.79 7.30
CA MET A 396 10.30 26.43 6.70
C MET A 396 9.98 27.69 5.90
N THR A 397 10.92 28.63 5.90
CA THR A 397 10.71 29.93 5.26
C THR A 397 11.81 30.26 4.26
N GLY A 398 11.76 31.48 3.74
CA GLY A 398 12.79 31.99 2.84
C GLY A 398 12.55 31.63 1.38
N GLU A 399 13.62 31.65 0.60
CA GLU A 399 13.56 31.31 -0.82
C GLU A 399 14.41 30.09 -1.12
N ILE A 400 13.95 29.27 -2.07
CA ILE A 400 14.71 28.12 -2.54
C ILE A 400 16.05 28.59 -3.09
N PRO A 401 17.15 28.06 -2.54
CA PRO A 401 18.48 28.51 -2.98
C PRO A 401 18.84 27.99 -4.37
N ARG A 402 20.00 28.39 -4.87
CA ARG A 402 20.53 27.83 -6.11
C ARG A 402 21.34 26.58 -5.75
N GLY A 403 21.87 25.91 -6.75
CA GLY A 403 22.76 24.79 -6.50
C GLY A 403 22.14 23.42 -6.70
N PHE A 404 20.83 23.36 -6.86
CA PHE A 404 20.14 22.10 -7.09
C PHE A 404 20.52 21.50 -8.45
N GLY A 405 21.10 22.33 -9.31
CA GLY A 405 21.54 21.90 -10.61
C GLY A 405 22.77 21.02 -10.55
N ARG A 406 23.59 21.24 -9.53
CA ARG A 406 24.83 20.49 -9.37
C ARG A 406 24.70 19.31 -8.42
N MET A 407 23.51 19.13 -7.85
CA MET A 407 23.28 18.05 -6.88
C MET A 407 23.04 16.68 -7.50
N ASN A 408 22.51 16.65 -8.72
CA ASN A 408 22.03 15.42 -9.34
C ASN A 408 20.95 14.76 -8.48
N LEU A 409 19.78 15.40 -8.42
CA LEU A 409 18.69 14.85 -7.63
C LEU A 409 17.77 13.98 -8.48
N THR A 410 16.82 13.35 -7.80
CA THR A 410 15.79 12.53 -8.43
C THR A 410 14.44 12.94 -7.88
N PHE A 411 14.29 12.84 -6.57
CA PHE A 411 13.08 13.29 -5.89
C PHE A 411 13.31 14.57 -5.08
N ILE A 412 12.52 15.59 -5.38
CA ILE A 412 12.43 16.79 -4.54
C ILE A 412 10.99 17.00 -4.11
N SER A 413 10.70 16.81 -2.83
CA SER A 413 9.46 17.36 -2.30
C SER A 413 9.75 18.39 -1.21
N ILE A 414 9.63 19.67 -1.56
CA ILE A 414 9.75 20.75 -0.61
C ILE A 414 8.41 21.36 -0.19
N GLY A 415 7.32 20.79 -0.70
CA GLY A 415 6.01 21.39 -0.59
C GLY A 415 5.44 21.55 0.81
N ARG A 416 4.27 22.17 0.88
CA ARG A 416 3.59 22.44 2.16
C ARG A 416 4.48 23.22 3.12
N ASN A 417 4.95 24.38 2.66
CA ASN A 417 5.77 25.27 3.46
C ASN A 417 5.47 26.73 3.18
N HIS A 418 6.28 27.61 3.75
CA HIS A 418 6.13 29.05 3.60
C HIS A 418 7.02 29.68 2.52
N PHE A 419 7.75 28.85 1.78
CA PHE A 419 8.75 29.30 0.82
C PHE A 419 8.26 30.36 -0.15
N THR A 420 9.07 31.39 -0.34
CA THR A 420 8.75 32.51 -1.24
C THR A 420 9.78 32.66 -2.34
N GLY A 421 9.63 33.70 -3.15
CA GLY A 421 10.55 33.96 -4.24
C GLY A 421 10.16 33.20 -5.49
N GLU A 422 11.08 33.12 -6.45
CA GLU A 422 10.80 32.40 -7.69
C GLU A 422 11.33 30.97 -7.61
N ILE A 423 11.09 30.22 -8.68
CA ILE A 423 11.68 28.90 -8.84
C ILE A 423 12.99 29.08 -9.58
N PRO A 424 14.11 28.77 -8.90
CA PRO A 424 15.45 28.97 -9.47
C PRO A 424 15.57 28.20 -10.77
N ASP A 425 16.05 28.85 -11.82
CA ASP A 425 16.12 28.22 -13.14
C ASP A 425 17.19 27.13 -13.18
N ASP A 426 18.21 27.28 -12.36
CA ASP A 426 19.28 26.28 -12.26
C ASP A 426 18.73 24.95 -11.76
N ILE A 427 17.55 24.96 -11.15
CA ILE A 427 16.89 23.76 -10.67
C ILE A 427 16.55 22.83 -11.84
N PHE A 428 16.52 23.39 -13.04
CA PHE A 428 16.21 22.59 -14.23
C PHE A 428 17.48 21.99 -14.83
N ASN A 429 18.63 22.40 -14.30
CA ASN A 429 19.92 21.88 -14.77
C ASN A 429 20.20 20.45 -14.28
N CYS A 430 19.35 19.93 -13.39
CA CYS A 430 19.45 18.54 -12.98
C CYS A 430 18.40 17.69 -13.69
N SER A 431 18.87 16.87 -14.63
CA SER A 431 17.98 16.20 -15.58
C SER A 431 17.44 14.87 -15.05
N ASN A 432 18.00 14.40 -13.95
CA ASN A 432 17.62 13.10 -13.40
C ASN A 432 16.40 13.18 -12.51
N LEU A 433 15.82 14.36 -12.41
CA LEU A 433 14.74 14.59 -11.46
C LEU A 433 13.46 13.99 -12.00
N GLU A 434 12.96 12.95 -11.32
CA GLU A 434 11.71 12.31 -11.70
C GLU A 434 10.52 12.82 -10.90
N THR A 435 10.80 13.54 -9.82
CA THR A 435 9.73 14.13 -9.01
C THR A 435 10.06 15.54 -8.56
N LEU A 436 9.24 16.49 -8.99
CA LEU A 436 9.36 17.87 -8.51
C LEU A 436 8.05 18.31 -7.88
N SER A 437 8.05 18.48 -6.56
CA SER A 437 6.87 18.99 -5.89
C SER A 437 7.20 20.19 -5.00
N VAL A 438 6.77 21.37 -5.45
CA VAL A 438 6.85 22.60 -4.68
C VAL A 438 5.51 22.99 -4.08
N ALA A 439 4.52 22.13 -4.25
CA ALA A 439 3.12 22.48 -4.00
C ALA A 439 2.84 23.06 -2.62
N ASP A 440 1.85 23.95 -2.56
CA ASP A 440 1.46 24.65 -1.34
C ASP A 440 2.58 25.49 -0.73
N ASN A 441 2.96 26.54 -1.45
CA ASN A 441 3.92 27.52 -0.95
C ASN A 441 3.56 28.91 -1.49
N ASN A 442 4.43 29.87 -1.26
CA ASN A 442 4.25 31.23 -1.78
C ASN A 442 4.99 31.56 -3.08
N LEU A 443 5.64 30.57 -3.67
CA LEU A 443 6.50 30.78 -4.83
C LEU A 443 5.81 31.57 -5.95
N THR A 444 6.50 32.61 -6.43
CA THR A 444 5.95 33.50 -7.44
C THR A 444 6.82 33.53 -8.68
N GLY A 445 6.20 33.72 -9.84
CA GLY A 445 6.95 33.82 -11.07
C GLY A 445 6.20 33.21 -12.22
N THR A 446 6.93 32.89 -13.28
CA THR A 446 6.38 32.06 -14.35
C THR A 446 6.81 30.61 -14.14
N LEU A 447 6.36 29.74 -15.04
CA LEU A 447 6.93 28.42 -15.17
C LEU A 447 7.68 28.47 -16.48
N LYS A 448 9.01 28.51 -16.41
CA LYS A 448 9.81 28.80 -17.60
C LYS A 448 9.97 27.58 -18.51
N PRO A 449 10.30 27.83 -19.77
CA PRO A 449 10.38 26.76 -20.76
C PRO A 449 11.51 25.82 -20.47
N LEU A 450 12.37 26.18 -19.55
CA LEU A 450 13.45 25.30 -19.20
C LEU A 450 12.85 24.06 -18.58
N ILE A 451 11.59 24.15 -18.20
CA ILE A 451 10.97 23.03 -17.54
C ILE A 451 11.15 21.93 -18.50
N GLY A 452 11.21 22.28 -19.77
CA GLY A 452 11.36 21.29 -20.80
C GLY A 452 12.65 20.58 -20.60
N LYS A 453 13.54 21.19 -19.84
CA LYS A 453 14.85 20.62 -19.62
C LYS A 453 14.83 19.27 -18.92
N LEU A 454 13.98 19.08 -17.92
CA LEU A 454 13.99 17.79 -17.26
C LEU A 454 13.01 16.82 -17.85
N GLN A 455 13.46 16.10 -18.85
CA GLN A 455 12.65 15.12 -19.54
C GLN A 455 12.20 13.91 -18.72
N LYS A 456 13.04 13.46 -17.81
CA LYS A 456 12.81 12.25 -17.04
C LYS A 456 11.67 12.31 -16.03
N LEU A 457 11.16 13.49 -15.75
CA LEU A 457 10.18 13.67 -14.72
C LEU A 457 8.94 12.80 -14.86
N ARG A 458 8.53 12.21 -13.74
CA ARG A 458 7.29 11.43 -13.65
C ARG A 458 6.10 12.19 -13.04
N ILE A 459 6.38 13.00 -12.02
CA ILE A 459 5.32 13.80 -11.37
C ILE A 459 5.78 15.23 -11.08
N LEU A 460 4.92 16.19 -11.40
CA LEU A 460 5.22 17.61 -11.20
C LEU A 460 4.07 18.32 -10.47
N GLN A 461 4.33 18.80 -9.26
CA GLN A 461 3.30 19.56 -8.54
C GLN A 461 3.73 20.97 -8.16
N VAL A 462 3.18 21.95 -8.87
CA VAL A 462 3.36 23.37 -8.53
C VAL A 462 2.16 24.01 -7.82
N SER A 463 1.17 23.19 -7.46
CA SER A 463 -0.13 23.67 -7.00
C SER A 463 -0.07 24.53 -5.73
N TYR A 464 -1.12 25.32 -5.53
CA TYR A 464 -1.28 26.15 -4.33
C TYR A 464 -0.12 27.10 -4.10
N ASN A 465 0.28 27.79 -5.15
CA ASN A 465 1.20 28.90 -5.03
C ASN A 465 0.57 30.08 -5.73
N SER A 466 1.27 31.20 -5.79
CA SER A 466 0.87 32.23 -6.71
C SER A 466 1.93 32.32 -7.79
N LEU A 467 1.62 31.77 -8.96
CA LEU A 467 2.52 31.78 -10.09
C LEU A 467 1.70 32.34 -11.23
N THR A 468 2.37 32.84 -12.27
CA THR A 468 1.65 33.48 -13.37
C THR A 468 2.33 33.26 -14.71
N GLY A 469 1.79 33.89 -15.74
CA GLY A 469 2.26 33.70 -17.09
C GLY A 469 1.55 32.51 -17.72
N PRO A 470 1.96 32.16 -18.94
CA PRO A 470 1.33 31.05 -19.66
C PRO A 470 1.93 29.73 -19.23
N ILE A 471 1.42 28.64 -19.79
CA ILE A 471 2.03 27.33 -19.61
C ILE A 471 2.91 27.05 -20.81
N PRO A 472 4.24 26.97 -20.59
CA PRO A 472 5.21 26.81 -21.67
C PRO A 472 4.94 25.54 -22.48
N ARG A 473 5.19 25.61 -23.78
CA ARG A 473 5.00 24.45 -24.62
C ARG A 473 6.06 23.42 -24.30
N GLU A 474 7.08 23.85 -23.58
CA GLU A 474 8.17 22.96 -23.26
C GLU A 474 7.60 21.83 -22.46
N ILE A 475 6.40 22.05 -21.98
CA ILE A 475 5.75 21.09 -21.13
C ILE A 475 5.60 19.78 -21.85
N GLY A 476 5.48 19.85 -23.15
CA GLY A 476 5.32 18.66 -23.95
C GLY A 476 6.45 17.68 -23.90
N ASN A 477 7.65 18.16 -23.67
CA ASN A 477 8.82 17.30 -23.66
C ASN A 477 8.85 16.25 -22.57
N LEU A 478 8.10 16.44 -21.50
CA LEU A 478 8.20 15.57 -20.35
C LEU A 478 7.91 14.13 -20.68
N LYS A 479 6.95 13.87 -21.54
CA LYS A 479 6.80 12.54 -22.05
C LYS A 479 6.26 11.50 -21.11
N ASP A 480 6.95 11.27 -20.01
CA ASP A 480 6.52 10.22 -19.10
C ASP A 480 5.84 10.72 -17.88
N LEU A 481 5.48 11.98 -17.86
CA LEU A 481 4.83 12.54 -16.71
C LEU A 481 3.58 11.75 -16.49
N ASN A 482 3.26 11.45 -15.25
CA ASN A 482 2.03 10.74 -14.97
C ASN A 482 1.05 11.66 -14.26
N ILE A 483 1.56 12.43 -13.30
CA ILE A 483 0.79 13.47 -12.66
C ILE A 483 1.31 14.87 -13.01
N LEU A 484 0.42 15.72 -13.52
CA LEU A 484 0.72 17.15 -13.64
C LEU A 484 -0.31 18.00 -12.89
N TYR A 485 0.10 18.61 -11.78
CA TYR A 485 -0.82 19.48 -11.04
C TYR A 485 -0.28 20.90 -10.93
N LEU A 486 -0.87 21.81 -11.71
CA LEU A 486 -0.62 23.25 -11.57
C LEU A 486 -1.72 24.07 -10.89
N HIS A 487 -2.73 23.40 -10.36
CA HIS A 487 -3.96 24.07 -9.91
C HIS A 487 -3.72 25.08 -8.79
N SER A 488 -4.67 26.00 -8.62
CA SER A 488 -4.58 27.05 -7.61
C SER A 488 -3.38 27.96 -7.78
N ASN A 489 -3.24 28.49 -8.99
CA ASN A 489 -2.23 29.50 -9.29
C ASN A 489 -2.85 30.58 -10.18
N GLY A 490 -2.02 31.49 -10.67
CA GLY A 490 -2.50 32.54 -11.56
C GLY A 490 -2.17 32.34 -13.03
N PHE A 491 -1.93 31.10 -13.44
CA PHE A 491 -1.61 30.80 -14.83
C PHE A 491 -2.67 31.35 -15.78
N THR A 492 -2.23 31.93 -16.89
CA THR A 492 -3.16 32.57 -17.82
C THR A 492 -3.04 31.98 -19.21
N GLY A 493 -3.92 32.44 -20.11
CA GLY A 493 -3.83 32.09 -21.51
C GLY A 493 -4.43 30.76 -21.92
N ARG A 494 -4.02 30.33 -23.11
CA ARG A 494 -4.54 29.14 -23.76
C ARG A 494 -3.76 27.92 -23.30
N ILE A 495 -4.44 26.79 -23.13
CA ILE A 495 -3.74 25.54 -22.88
C ILE A 495 -2.96 25.18 -24.13
N PRO A 496 -1.62 25.05 -24.00
CA PRO A 496 -0.77 24.72 -25.14
C PRO A 496 -1.14 23.36 -25.73
N ARG A 497 -1.20 23.26 -27.06
CA ARG A 497 -1.58 22.02 -27.71
C ARG A 497 -0.52 20.93 -27.52
N GLU A 498 0.70 21.37 -27.21
CA GLU A 498 1.82 20.46 -26.98
C GLU A 498 1.57 19.51 -25.81
N MET A 499 0.56 19.80 -25.00
CA MET A 499 0.21 18.92 -23.89
C MET A 499 -0.32 17.59 -24.39
N SER A 500 -0.74 17.56 -25.65
CA SER A 500 -1.15 16.29 -26.25
C SER A 500 0.04 15.34 -26.34
N ASN A 501 1.24 15.90 -26.31
CA ASN A 501 2.47 15.12 -26.37
C ASN A 501 2.78 14.36 -25.09
N LEU A 502 1.97 14.54 -24.05
CA LEU A 502 2.13 13.71 -22.86
C LEU A 502 1.10 12.60 -22.97
N THR A 503 1.57 11.42 -23.36
CA THR A 503 0.70 10.29 -23.59
C THR A 503 0.63 9.39 -22.38
N LEU A 504 1.50 9.64 -21.41
CA LEU A 504 1.56 8.86 -20.19
C LEU A 504 0.84 9.54 -19.03
N LEU A 505 0.32 10.74 -19.28
CA LEU A 505 -0.24 11.53 -18.18
C LEU A 505 -1.59 10.98 -17.75
N GLN A 506 -1.66 10.55 -16.49
CA GLN A 506 -2.90 10.01 -15.95
C GLN A 506 -3.74 11.02 -15.18
N GLY A 507 -3.19 12.19 -14.87
CA GLY A 507 -4.02 13.20 -14.26
C GLY A 507 -3.57 14.63 -14.51
N LEU A 508 -4.55 15.51 -14.56
CA LEU A 508 -4.32 16.89 -14.91
C LEU A 508 -5.20 17.75 -14.03
N ARG A 509 -4.61 18.58 -13.18
CA ARG A 509 -5.41 19.56 -12.46
C ARG A 509 -4.94 20.98 -12.76
N MET A 510 -5.72 21.68 -13.58
CA MET A 510 -5.46 23.06 -13.91
C MET A 510 -6.38 24.04 -13.18
N TYR A 511 -7.23 23.50 -12.31
CA TYR A 511 -8.34 24.27 -11.73
C TYR A 511 -7.90 25.47 -10.89
N SER A 512 -8.82 26.40 -10.71
CA SER A 512 -8.56 27.67 -10.02
C SER A 512 -7.37 28.38 -10.65
N ASN A 513 -7.55 28.77 -11.91
CA ASN A 513 -6.55 29.53 -12.65
C ASN A 513 -7.25 30.47 -13.60
N ASP A 514 -6.47 31.22 -14.37
CA ASP A 514 -6.98 32.19 -15.33
C ASP A 514 -7.10 31.65 -16.75
N LEU A 515 -6.87 30.34 -16.93
CA LEU A 515 -6.87 29.70 -18.24
C LEU A 515 -8.15 29.96 -19.03
N GLU A 516 -8.02 30.02 -20.36
CA GLU A 516 -9.14 30.37 -21.22
C GLU A 516 -8.99 29.76 -22.60
N GLY A 517 -9.86 30.21 -23.51
CA GLY A 517 -9.74 29.92 -24.93
C GLY A 517 -10.19 28.53 -25.32
N PRO A 518 -10.18 28.24 -26.62
CA PRO A 518 -10.53 26.90 -27.11
C PRO A 518 -9.55 25.85 -26.58
N ILE A 519 -10.09 24.79 -26.00
CA ILE A 519 -9.25 23.67 -25.60
C ILE A 519 -8.74 23.01 -26.88
N PRO A 520 -7.41 22.93 -27.03
CA PRO A 520 -6.80 22.39 -28.25
C PRO A 520 -7.33 21.00 -28.60
N GLU A 521 -7.70 20.80 -29.86
CA GLU A 521 -8.22 19.53 -30.33
C GLU A 521 -7.27 18.40 -29.97
N GLU A 522 -5.98 18.63 -30.21
CA GLU A 522 -4.94 17.64 -29.98
C GLU A 522 -4.99 17.06 -28.57
N MET A 523 -5.39 17.88 -27.60
CA MET A 523 -5.41 17.46 -26.20
C MET A 523 -6.37 16.31 -25.95
N PHE A 524 -7.24 16.02 -26.92
CA PHE A 524 -8.19 14.93 -26.76
C PHE A 524 -7.62 13.61 -27.24
N ASP A 525 -6.36 13.63 -27.66
CA ASP A 525 -5.70 12.43 -28.15
C ASP A 525 -5.09 11.61 -27.01
N MET A 526 -5.31 12.06 -25.77
CA MET A 526 -4.73 11.36 -24.63
C MET A 526 -5.71 10.32 -24.09
N LYS A 527 -5.40 9.06 -24.33
CA LYS A 527 -6.31 7.97 -23.94
C LYS A 527 -6.06 7.52 -22.51
N LEU A 528 -4.92 7.90 -21.97
CA LEU A 528 -4.49 7.40 -20.67
C LEU A 528 -4.82 8.34 -19.52
N LEU A 529 -5.47 9.46 -19.84
CA LEU A 529 -5.72 10.49 -18.83
C LEU A 529 -6.92 10.11 -17.96
N SER A 530 -6.66 9.90 -16.68
CA SER A 530 -7.67 9.39 -15.75
C SER A 530 -8.54 10.50 -15.15
N VAL A 531 -7.89 11.43 -14.45
CA VAL A 531 -8.59 12.55 -13.83
C VAL A 531 -8.26 13.89 -14.51
N LEU A 532 -9.31 14.65 -14.84
CA LEU A 532 -9.13 15.98 -15.44
C LEU A 532 -9.96 17.04 -14.74
N ASP A 533 -9.29 17.98 -14.08
CA ASP A 533 -10.00 19.09 -13.44
C ASP A 533 -9.65 20.42 -14.09
N LEU A 534 -10.58 20.94 -14.89
CA LEU A 534 -10.44 22.24 -15.53
C LEU A 534 -11.22 23.34 -14.80
N SER A 535 -11.81 22.97 -13.67
CA SER A 535 -12.83 23.81 -13.02
C SER A 535 -12.29 25.16 -12.54
N ASN A 536 -13.21 26.09 -12.31
CA ASN A 536 -12.87 27.42 -11.82
C ASN A 536 -11.83 28.09 -12.70
N ASN A 537 -12.23 28.42 -13.93
CA ASN A 537 -11.35 29.09 -14.87
C ASN A 537 -12.12 30.07 -15.75
N LYS A 538 -11.45 30.61 -16.76
CA LYS A 538 -12.07 31.54 -17.68
C LYS A 538 -12.56 30.88 -18.97
N PHE A 539 -12.49 29.55 -19.02
CA PHE A 539 -12.94 28.79 -20.20
C PHE A 539 -14.36 29.15 -20.64
N SER A 540 -14.53 29.37 -21.94
CA SER A 540 -15.84 29.68 -22.49
C SER A 540 -16.09 28.86 -23.76
N GLY A 541 -17.26 29.04 -24.35
CA GLY A 541 -17.64 28.28 -25.53
C GLY A 541 -18.19 26.91 -25.17
N GLN A 542 -18.76 26.23 -26.16
CA GLN A 542 -19.43 24.95 -25.92
C GLN A 542 -18.45 23.87 -25.48
N ILE A 543 -18.98 22.88 -24.76
CA ILE A 543 -18.17 21.74 -24.32
C ILE A 543 -17.88 20.85 -25.52
N PRO A 544 -16.60 20.76 -25.90
CA PRO A 544 -16.17 20.02 -27.10
C PRO A 544 -16.66 18.58 -27.08
N ALA A 545 -17.22 18.13 -28.20
CA ALA A 545 -17.67 16.75 -28.32
C ALA A 545 -16.47 15.82 -28.28
N LEU A 546 -15.32 16.36 -28.67
CA LEU A 546 -14.06 15.62 -28.71
C LEU A 546 -13.60 15.19 -27.31
N PHE A 547 -14.31 15.67 -26.28
CA PHE A 547 -14.09 15.19 -24.92
C PHE A 547 -14.37 13.69 -24.85
N SER A 548 -15.15 13.20 -25.80
CA SER A 548 -15.43 11.77 -25.90
C SER A 548 -14.17 10.98 -26.21
N LYS A 549 -13.20 11.65 -26.83
CA LYS A 549 -11.94 11.00 -27.22
C LYS A 549 -11.11 10.53 -26.03
N LEU A 550 -11.40 11.04 -24.84
CA LEU A 550 -10.80 10.47 -23.65
C LEU A 550 -11.87 9.58 -23.06
N GLU A 551 -11.73 8.27 -23.26
CA GLU A 551 -12.78 7.34 -22.84
C GLU A 551 -12.56 6.76 -21.46
N SER A 552 -11.37 6.92 -20.92
CA SER A 552 -11.15 6.51 -19.55
C SER A 552 -11.02 7.76 -18.72
N LEU A 553 -12.08 8.10 -18.00
CA LEU A 553 -12.05 9.21 -17.06
C LEU A 553 -12.80 8.79 -15.81
N THR A 554 -12.11 8.75 -14.67
CA THR A 554 -12.80 8.55 -13.41
C THR A 554 -13.34 9.88 -12.88
N TYR A 555 -12.68 10.97 -13.25
CA TYR A 555 -13.00 12.28 -12.71
C TYR A 555 -12.98 13.37 -13.78
N LEU A 556 -14.10 14.10 -13.90
CA LEU A 556 -14.15 15.25 -14.80
C LEU A 556 -14.87 16.43 -14.16
N SER A 557 -14.19 17.56 -14.07
CA SER A 557 -14.83 18.78 -13.57
C SER A 557 -14.62 19.96 -14.52
N LEU A 558 -15.71 20.40 -15.13
CA LEU A 558 -15.72 21.64 -15.92
C LEU A 558 -16.29 22.81 -15.12
N GLN A 559 -16.58 22.55 -13.84
CA GLN A 559 -17.35 23.46 -13.00
C GLN A 559 -16.76 24.88 -12.90
N GLY A 560 -17.64 25.87 -12.76
CA GLY A 560 -17.21 27.24 -12.55
C GLY A 560 -16.53 27.87 -13.76
N ASN A 561 -17.17 27.73 -14.92
CA ASN A 561 -16.66 28.33 -16.14
C ASN A 561 -17.77 28.97 -16.97
N LYS A 562 -17.42 29.43 -18.16
CA LYS A 562 -18.33 30.15 -19.05
C LYS A 562 -19.00 29.27 -20.12
N PHE A 563 -18.86 27.96 -20.00
CA PHE A 563 -19.24 27.01 -21.06
C PHE A 563 -20.64 27.22 -21.67
N ASN A 564 -20.70 27.08 -22.99
CA ASN A 564 -21.85 27.47 -23.80
C ASN A 564 -22.70 26.29 -24.27
N GLY A 565 -23.98 26.52 -24.45
CA GLY A 565 -24.82 25.60 -25.20
C GLY A 565 -25.36 24.41 -24.42
N SER A 566 -25.58 23.31 -25.15
CA SER A 566 -26.18 22.12 -24.56
C SER A 566 -25.14 21.03 -24.35
N ILE A 567 -25.36 20.22 -23.31
CA ILE A 567 -24.48 19.10 -23.02
C ILE A 567 -24.39 18.19 -24.24
N PRO A 568 -23.19 18.04 -24.82
CA PRO A 568 -23.05 17.22 -26.02
C PRO A 568 -23.35 15.76 -25.73
N ALA A 569 -24.18 15.15 -26.57
CA ALA A 569 -24.62 13.78 -26.35
C ALA A 569 -23.44 12.81 -26.46
N SER A 570 -22.43 13.21 -27.23
CA SER A 570 -21.23 12.40 -27.46
C SER A 570 -20.58 11.95 -26.16
N LEU A 571 -20.79 12.74 -25.10
CA LEU A 571 -20.24 12.45 -23.78
C LEU A 571 -20.71 11.11 -23.22
N LYS A 572 -21.69 10.49 -23.88
CA LYS A 572 -22.10 9.14 -23.54
C LYS A 572 -20.93 8.16 -23.61
N SER A 573 -19.91 8.51 -24.38
CA SER A 573 -18.78 7.62 -24.63
C SER A 573 -18.02 7.20 -23.38
N LEU A 574 -18.08 8.02 -22.33
CA LEU A 574 -17.33 7.72 -21.12
C LEU A 574 -18.22 7.19 -20.00
N SER A 575 -18.13 5.88 -19.76
CA SER A 575 -18.90 5.22 -18.72
C SER A 575 -18.10 4.98 -17.43
N LEU A 576 -16.84 5.36 -17.45
CA LEU A 576 -15.96 5.13 -16.31
C LEU A 576 -16.02 6.24 -15.28
N LEU A 577 -16.83 7.26 -15.55
CA LEU A 577 -16.86 8.43 -14.68
C LEU A 577 -17.50 8.12 -13.32
N ASN A 578 -16.72 8.33 -12.27
CA ASN A 578 -17.23 8.35 -10.91
C ASN A 578 -17.75 9.73 -10.50
N THR A 579 -17.13 10.77 -11.06
CA THR A 579 -17.49 12.14 -10.73
C THR A 579 -17.64 12.98 -12.00
N PHE A 580 -18.84 13.50 -12.22
CA PHE A 580 -19.08 14.41 -13.34
C PHE A 580 -19.59 15.74 -12.78
N ASP A 581 -18.75 16.77 -12.80
CA ASP A 581 -19.21 18.06 -12.31
C ASP A 581 -19.23 19.06 -13.47
N ILE A 582 -20.42 19.33 -13.96
CA ILE A 582 -20.63 20.28 -15.04
C ILE A 582 -21.16 21.62 -14.50
N SER A 583 -21.34 21.67 -13.18
CA SER A 583 -22.09 22.72 -12.50
C SER A 583 -21.48 24.11 -12.63
N ASP A 584 -22.33 25.12 -12.43
CA ASP A 584 -21.95 26.53 -12.49
C ASP A 584 -21.38 26.93 -13.86
N ASN A 585 -22.23 26.88 -14.87
CA ASN A 585 -21.89 27.31 -16.21
C ASN A 585 -23.10 27.95 -16.91
N LEU A 586 -22.98 28.17 -18.21
CA LEU A 586 -24.06 28.73 -19.00
C LEU A 586 -24.89 27.68 -19.76
N LEU A 587 -24.62 26.41 -19.49
CA LEU A 587 -25.23 25.29 -20.24
C LEU A 587 -26.74 25.35 -20.35
N THR A 588 -27.24 25.21 -21.58
CA THR A 588 -28.67 25.28 -21.85
C THR A 588 -29.20 23.93 -22.34
N GLY A 589 -30.51 23.88 -22.60
CA GLY A 589 -31.11 22.67 -23.14
C GLY A 589 -31.29 21.56 -22.14
N THR A 590 -31.86 20.46 -22.61
CA THR A 590 -32.15 19.29 -21.79
C THR A 590 -30.92 18.45 -21.46
N ILE A 591 -31.04 17.62 -20.43
CA ILE A 591 -30.05 16.58 -20.16
C ILE A 591 -30.29 15.43 -21.13
N PRO A 592 -29.28 15.07 -21.93
CA PRO A 592 -29.44 13.92 -22.82
C PRO A 592 -29.67 12.62 -22.05
N GLY A 593 -30.71 11.88 -22.42
CA GLY A 593 -31.10 10.70 -21.68
C GLY A 593 -30.09 9.58 -21.75
N GLU A 594 -29.55 9.33 -22.94
CA GLU A 594 -28.63 8.22 -23.14
C GLU A 594 -27.22 8.51 -22.59
N LEU A 595 -26.94 9.76 -22.26
CA LEU A 595 -25.72 10.09 -21.55
C LEU A 595 -25.89 9.67 -20.10
N LEU A 596 -27.05 10.01 -19.54
CA LEU A 596 -27.37 9.69 -18.16
C LEU A 596 -27.50 8.17 -18.00
N ALA A 597 -27.88 7.50 -19.09
CA ALA A 597 -27.98 6.04 -19.11
C ALA A 597 -26.61 5.40 -19.27
N SER A 598 -25.79 5.92 -20.19
CA SER A 598 -24.48 5.35 -20.47
C SER A 598 -23.53 5.50 -19.29
N LEU A 599 -23.86 6.39 -18.36
CA LEU A 599 -23.23 6.33 -17.05
C LEU A 599 -24.17 5.45 -16.27
N LYS A 600 -23.75 4.22 -16.02
CA LYS A 600 -24.60 3.25 -15.34
C LYS A 600 -24.12 3.22 -13.91
N ASN A 601 -22.89 2.77 -13.73
CA ASN A 601 -22.27 2.81 -12.42
C ASN A 601 -21.36 4.00 -12.32
N MET A 602 -21.83 4.99 -11.57
CA MET A 602 -21.05 6.17 -11.22
C MET A 602 -21.16 6.27 -9.73
N GLN A 603 -20.04 6.14 -9.03
CA GLN A 603 -20.09 5.91 -7.59
C GLN A 603 -20.19 7.15 -6.70
N LEU A 604 -19.90 8.33 -7.23
CA LEU A 604 -19.73 9.49 -6.33
C LEU A 604 -20.62 10.72 -6.55
N TYR A 605 -20.28 11.53 -7.54
CA TYR A 605 -20.75 12.91 -7.58
C TYR A 605 -21.26 13.29 -8.97
N LEU A 606 -22.53 13.63 -9.05
CA LEU A 606 -23.11 14.15 -10.29
C LEU A 606 -23.67 15.54 -10.01
N ASN A 607 -23.03 16.57 -10.55
CA ASN A 607 -23.50 17.93 -10.30
C ASN A 607 -23.71 18.74 -11.58
N PHE A 608 -24.98 18.99 -11.89
CA PHE A 608 -25.37 19.84 -13.00
C PHE A 608 -25.78 21.25 -12.55
N SER A 609 -25.66 21.50 -11.25
CA SER A 609 -26.31 22.68 -10.64
C SER A 609 -25.83 24.00 -11.19
N ASN A 610 -26.65 25.03 -11.02
CA ASN A 610 -26.36 26.37 -11.53
C ASN A 610 -26.09 26.37 -13.03
N ASN A 611 -27.13 26.07 -13.80
CA ASN A 611 -27.07 26.17 -15.25
C ASN A 611 -28.44 26.56 -15.79
N LEU A 612 -28.52 26.72 -17.10
CA LEU A 612 -29.76 27.13 -17.75
C LEU A 612 -30.58 25.92 -18.23
N LEU A 613 -30.13 24.73 -17.86
CA LEU A 613 -30.75 23.47 -18.30
C LEU A 613 -32.26 23.42 -18.09
N THR A 614 -32.98 23.04 -19.14
CA THR A 614 -34.44 22.99 -19.12
C THR A 614 -34.96 21.60 -19.46
N GLY A 615 -36.01 21.16 -18.78
CA GLY A 615 -36.70 19.94 -19.17
C GLY A 615 -37.26 19.18 -17.98
N THR A 616 -37.74 17.97 -18.24
CA THR A 616 -38.06 17.05 -17.17
C THR A 616 -36.77 16.42 -16.71
N ILE A 617 -36.71 15.98 -15.46
CA ILE A 617 -35.57 15.20 -15.01
C ILE A 617 -35.65 13.83 -15.67
N PRO A 618 -34.64 13.48 -16.48
CA PRO A 618 -34.63 12.26 -17.28
C PRO A 618 -34.86 11.00 -16.44
N LYS A 619 -35.70 10.09 -16.93
CA LYS A 619 -35.98 8.85 -16.21
C LYS A 619 -34.72 8.00 -16.12
N GLU A 620 -33.78 8.24 -17.03
CA GLU A 620 -32.52 7.50 -17.06
C GLU A 620 -31.65 7.79 -15.84
N LEU A 621 -32.07 8.77 -15.03
CA LEU A 621 -31.40 9.03 -13.75
C LEU A 621 -31.63 7.85 -12.82
N GLY A 622 -32.68 7.08 -13.10
CA GLY A 622 -32.96 5.86 -12.36
C GLY A 622 -31.91 4.80 -12.67
N LYS A 623 -31.48 4.76 -13.93
CA LYS A 623 -30.44 3.83 -14.35
C LYS A 623 -29.14 4.09 -13.61
N LEU A 624 -29.00 5.30 -13.07
CA LEU A 624 -27.84 5.62 -12.26
C LEU A 624 -28.03 5.03 -10.88
N GLU A 625 -27.14 4.11 -10.53
CA GLU A 625 -27.22 3.43 -9.26
C GLU A 625 -25.84 3.57 -8.62
N MET A 626 -25.76 3.26 -7.33
CA MET A 626 -24.52 3.39 -6.58
C MET A 626 -23.95 4.81 -6.59
N VAL A 627 -24.81 5.80 -6.84
CA VAL A 627 -24.36 7.18 -6.84
C VAL A 627 -24.71 7.87 -5.52
N GLN A 628 -23.71 8.48 -4.92
CA GLN A 628 -23.86 9.07 -3.59
C GLN A 628 -24.51 10.45 -3.56
N GLU A 629 -24.14 11.31 -4.50
CA GLU A 629 -24.64 12.68 -4.53
C GLU A 629 -25.19 13.08 -5.89
N ILE A 630 -26.38 13.67 -5.91
CA ILE A 630 -26.92 14.26 -7.13
C ILE A 630 -27.39 15.69 -6.87
N ASP A 631 -26.72 16.67 -7.49
CA ASP A 631 -27.17 18.05 -7.37
C ASP A 631 -27.62 18.59 -8.73
N LEU A 632 -28.93 18.73 -8.89
CA LEU A 632 -29.51 19.35 -10.08
C LEU A 632 -29.96 20.81 -9.84
N SER A 633 -29.66 21.34 -8.66
CA SER A 633 -30.26 22.59 -8.18
C SER A 633 -29.94 23.80 -9.04
N ASN A 634 -30.79 24.83 -8.91
CA ASN A 634 -30.65 26.07 -9.66
C ASN A 634 -30.62 25.84 -11.17
N ASN A 635 -31.75 25.37 -11.70
CA ASN A 635 -31.89 25.14 -13.12
C ASN A 635 -33.32 25.40 -13.55
N LEU A 636 -33.60 25.19 -14.83
CA LEU A 636 -34.94 25.39 -15.38
C LEU A 636 -35.78 24.12 -15.47
N PHE A 637 -35.30 23.03 -14.88
CA PHE A 637 -36.00 21.74 -14.96
C PHE A 637 -37.47 21.87 -14.59
N SER A 638 -38.32 21.23 -15.41
CA SER A 638 -39.73 21.58 -15.46
C SER A 638 -40.68 20.61 -14.74
N GLY A 639 -40.75 19.37 -15.23
CA GLY A 639 -41.79 18.44 -14.82
C GLY A 639 -41.66 17.85 -13.43
N SER A 640 -42.48 16.84 -13.16
CA SER A 640 -42.49 16.14 -11.89
C SER A 640 -41.32 15.15 -11.75
N ILE A 641 -40.98 14.82 -10.50
CA ILE A 641 -39.90 13.88 -10.23
C ILE A 641 -40.21 12.48 -10.75
N PRO A 642 -39.32 11.93 -11.59
CA PRO A 642 -39.50 10.58 -12.13
C PRO A 642 -39.45 9.52 -11.02
N ARG A 643 -40.43 8.62 -11.01
CA ARG A 643 -40.44 7.52 -10.05
C ARG A 643 -39.33 6.55 -10.40
N SER A 644 -38.85 6.66 -11.64
CA SER A 644 -37.82 5.80 -12.18
C SER A 644 -36.56 5.79 -11.33
N LEU A 645 -36.35 6.85 -10.56
CA LEU A 645 -35.14 6.98 -9.76
C LEU A 645 -35.27 6.36 -8.36
N GLN A 646 -36.37 5.65 -8.14
CA GLN A 646 -36.51 4.84 -6.93
C GLN A 646 -35.43 3.76 -6.87
N ALA A 647 -34.71 3.58 -7.99
CA ALA A 647 -33.73 2.53 -8.13
C ALA A 647 -32.31 2.87 -7.63
N CYS A 648 -32.07 4.12 -7.23
CA CYS A 648 -30.75 4.45 -6.69
C CYS A 648 -30.78 4.51 -5.16
N LYS A 649 -30.20 3.50 -4.54
CA LYS A 649 -30.25 3.36 -3.09
C LYS A 649 -29.00 3.88 -2.38
N ASN A 650 -28.00 4.29 -3.16
CA ASN A 650 -26.75 4.77 -2.57
C ASN A 650 -26.75 6.29 -2.45
N VAL A 651 -27.88 6.91 -2.78
CA VAL A 651 -27.99 8.36 -2.71
C VAL A 651 -27.95 8.84 -1.27
N PHE A 652 -26.99 9.71 -0.98
CA PHE A 652 -26.88 10.33 0.34
C PHE A 652 -27.48 11.74 0.30
N THR A 653 -26.90 12.60 -0.52
CA THR A 653 -27.44 13.95 -0.69
C THR A 653 -28.16 14.11 -2.04
N LEU A 654 -29.35 14.69 -2.00
CA LEU A 654 -30.13 14.93 -3.21
C LEU A 654 -30.63 16.37 -3.20
N ASP A 655 -30.18 17.17 -4.16
CA ASP A 655 -30.62 18.56 -4.23
C ASP A 655 -31.32 18.88 -5.55
N PHE A 656 -32.63 19.01 -5.49
CA PHE A 656 -33.44 19.49 -6.61
C PHE A 656 -33.87 20.95 -6.47
N SER A 657 -33.36 21.61 -5.43
CA SER A 657 -33.85 22.93 -5.05
C SER A 657 -33.65 23.98 -6.14
N GLN A 658 -34.41 25.06 -6.05
CA GLN A 658 -34.32 26.18 -7.00
C GLN A 658 -34.61 25.69 -8.41
N ASN A 659 -35.85 25.30 -8.65
CA ASN A 659 -36.27 24.79 -9.96
C ASN A 659 -37.75 24.98 -10.18
N ASN A 660 -38.23 24.57 -11.35
CA ASN A 660 -39.65 24.65 -11.70
C ASN A 660 -40.43 23.36 -11.47
N LEU A 661 -39.79 22.36 -10.86
CA LEU A 661 -40.40 21.06 -10.64
C LEU A 661 -41.75 21.19 -9.92
N SER A 662 -42.71 20.37 -10.33
CA SER A 662 -44.07 20.47 -9.84
C SER A 662 -44.67 19.09 -9.55
N GLY A 663 -45.96 19.07 -9.25
CA GLY A 663 -46.66 17.83 -8.98
C GLY A 663 -46.38 17.31 -7.60
N HIS A 664 -46.98 16.17 -7.26
CA HIS A 664 -46.80 15.55 -5.96
C HIS A 664 -45.41 14.93 -5.85
N ILE A 665 -44.81 15.03 -4.67
CA ILE A 665 -43.58 14.31 -4.40
C ILE A 665 -43.92 12.84 -4.20
N PRO A 666 -43.44 11.97 -5.11
CA PRO A 666 -43.74 10.54 -5.02
C PRO A 666 -43.11 9.88 -3.80
N ASP A 667 -43.92 9.13 -3.07
CA ASP A 667 -43.46 8.38 -1.91
C ASP A 667 -42.72 7.15 -2.42
N GLU A 668 -43.21 6.65 -3.55
CA GLU A 668 -42.69 5.47 -4.22
C GLU A 668 -41.21 5.63 -4.56
N VAL A 669 -40.81 6.86 -4.90
CA VAL A 669 -39.43 7.12 -5.28
C VAL A 669 -38.51 7.23 -4.06
N PHE A 670 -39.04 7.66 -2.93
CA PHE A 670 -38.21 7.82 -1.77
C PHE A 670 -38.15 6.57 -0.92
N GLN A 671 -38.96 5.58 -1.25
CA GLN A 671 -38.89 4.36 -0.49
C GLN A 671 -37.52 3.81 -0.72
N GLY A 672 -37.10 3.88 -1.97
CA GLY A 672 -35.81 3.37 -2.36
C GLY A 672 -34.69 4.12 -1.69
N MET A 673 -34.80 5.42 -1.59
CA MET A 673 -33.71 6.21 -1.05
C MET A 673 -33.74 6.25 0.46
N ASP A 674 -33.55 5.11 1.07
CA ASP A 674 -33.50 5.01 2.52
C ASP A 674 -32.30 5.73 3.09
N MET A 675 -31.19 5.64 2.36
CA MET A 675 -29.89 6.11 2.82
C MET A 675 -29.68 7.62 2.96
N ILE A 676 -30.56 8.42 2.41
CA ILE A 676 -30.35 9.85 2.32
C ILE A 676 -30.05 10.56 3.62
N ILE A 677 -29.06 11.44 3.58
CA ILE A 677 -28.65 12.21 4.74
C ILE A 677 -29.15 13.62 4.65
N SER A 678 -28.90 14.26 3.52
CA SER A 678 -29.48 15.57 3.27
C SER A 678 -30.41 15.56 2.05
N LEU A 679 -31.58 16.19 2.20
CA LEU A 679 -32.53 16.28 1.09
C LEU A 679 -33.07 17.70 0.92
N ASN A 680 -32.81 18.30 -0.25
CA ASN A 680 -33.30 19.65 -0.52
C ASN A 680 -34.31 19.68 -1.66
N LEU A 681 -35.59 19.84 -1.33
CA LEU A 681 -36.64 20.05 -2.32
C LEU A 681 -37.05 21.51 -2.43
N SER A 682 -36.36 22.38 -1.69
CA SER A 682 -36.79 23.77 -1.49
C SER A 682 -36.96 24.57 -2.77
N ARG A 683 -37.87 25.54 -2.73
CA ARG A 683 -38.11 26.46 -3.84
C ARG A 683 -38.52 25.74 -5.12
N ASN A 684 -39.69 25.12 -5.07
CA ASN A 684 -40.29 24.46 -6.22
C ASN A 684 -41.81 24.55 -6.16
N SER A 685 -42.48 23.97 -7.15
CA SER A 685 -43.93 24.03 -7.23
C SER A 685 -44.62 22.81 -6.62
N PHE A 686 -43.85 21.95 -5.96
CA PHE A 686 -44.35 20.66 -5.45
C PHE A 686 -45.63 20.79 -4.63
N SER A 687 -46.63 20.01 -4.99
CA SER A 687 -47.90 20.01 -4.29
C SER A 687 -48.17 18.66 -3.63
N GLY A 688 -49.35 18.51 -3.02
CA GLY A 688 -49.71 17.28 -2.37
C GLY A 688 -49.10 17.17 -0.98
N GLU A 689 -49.30 16.01 -0.35
CA GLU A 689 -48.84 15.80 1.02
C GLU A 689 -47.33 15.59 1.10
N ILE A 690 -46.84 15.42 2.32
CA ILE A 690 -45.45 15.07 2.55
C ILE A 690 -45.35 13.55 2.71
N PRO A 691 -44.46 12.92 1.94
CA PRO A 691 -44.31 11.46 1.94
C PRO A 691 -44.09 10.89 3.33
N GLN A 692 -44.86 9.87 3.68
CA GLN A 692 -44.76 9.24 5.00
C GLN A 692 -43.46 8.45 5.13
N SER A 693 -42.84 8.13 4.01
CA SER A 693 -41.58 7.39 4.01
C SER A 693 -40.41 8.22 4.51
N PHE A 694 -40.64 9.52 4.64
CA PHE A 694 -39.65 10.41 5.23
C PHE A 694 -39.39 9.99 6.67
N GLY A 695 -40.41 9.43 7.31
CA GLY A 695 -40.29 8.91 8.65
C GLY A 695 -39.49 7.62 8.68
N ASN A 696 -39.44 6.94 7.55
CA ASN A 696 -38.68 5.70 7.43
C ASN A 696 -37.21 5.94 7.10
N MET A 697 -36.82 7.21 7.01
CA MET A 697 -35.44 7.55 6.74
C MET A 697 -34.68 7.76 8.05
N THR A 698 -33.80 6.81 8.36
CA THR A 698 -33.06 6.85 9.61
C THR A 698 -31.84 7.77 9.56
N HIS A 699 -31.29 7.97 8.38
CA HIS A 699 -30.07 8.76 8.22
C HIS A 699 -30.35 10.22 7.85
N LEU A 700 -31.63 10.58 7.75
CA LEU A 700 -31.98 11.94 7.40
C LEU A 700 -31.54 12.90 8.49
N VAL A 701 -30.77 13.92 8.10
CA VAL A 701 -30.29 14.93 9.02
C VAL A 701 -30.96 16.26 8.72
N SER A 702 -30.72 16.78 7.52
CA SER A 702 -31.34 18.02 7.07
C SER A 702 -32.38 17.79 5.98
N LEU A 703 -33.60 18.23 6.23
CA LEU A 703 -34.68 18.12 5.25
C LEU A 703 -35.29 19.50 4.95
N ASP A 704 -35.15 19.95 3.71
CA ASP A 704 -35.68 21.26 3.34
C ASP A 704 -36.80 21.14 2.32
N LEU A 705 -38.03 21.34 2.80
CA LEU A 705 -39.21 21.38 1.93
C LEU A 705 -39.71 22.80 1.65
N SER A 706 -38.97 23.79 2.16
CA SER A 706 -39.42 25.18 2.16
C SER A 706 -39.74 25.74 0.77
N SER A 707 -40.66 26.70 0.74
CA SER A 707 -41.09 27.36 -0.50
C SER A 707 -41.69 26.37 -1.50
N ASN A 708 -42.85 25.81 -1.13
CA ASN A 708 -43.56 24.88 -2.00
C ASN A 708 -45.08 25.00 -1.86
N ASN A 709 -45.79 24.19 -2.64
CA ASN A 709 -47.24 24.14 -2.60
C ASN A 709 -47.81 23.00 -1.73
N LEU A 710 -46.93 22.33 -0.99
CA LEU A 710 -47.32 21.14 -0.23
C LEU A 710 -48.52 21.40 0.68
N THR A 711 -49.58 20.63 0.49
CA THR A 711 -50.85 20.85 1.17
C THR A 711 -51.14 20.08 2.45
N GLY A 712 -50.36 19.05 2.73
CA GLY A 712 -50.66 18.15 3.83
C GLY A 712 -50.42 18.61 5.24
N GLU A 713 -50.96 17.87 6.20
CA GLU A 713 -50.65 18.04 7.60
C GLU A 713 -49.25 17.52 7.81
N ILE A 714 -48.50 18.13 8.69
CA ILE A 714 -47.13 17.69 8.88
C ILE A 714 -47.17 16.30 9.41
N PRO A 715 -46.35 15.43 8.87
CA PRO A 715 -46.30 14.06 9.36
C PRO A 715 -45.48 13.94 10.62
N GLU A 716 -46.06 13.36 11.66
CA GLU A 716 -45.39 13.21 12.95
C GLU A 716 -44.17 12.32 12.80
N SER A 717 -44.29 11.34 11.94
CA SER A 717 -43.17 10.44 11.77
C SER A 717 -41.84 11.15 12.01
N LEU A 718 -41.73 12.37 11.47
CA LEU A 718 -40.50 13.15 11.56
C LEU A 718 -40.12 13.50 13.00
N ALA A 719 -41.13 13.64 13.85
CA ALA A 719 -40.92 14.09 15.23
C ALA A 719 -39.91 13.25 15.98
N ASN A 720 -40.27 12.00 16.27
CA ASN A 720 -39.43 11.11 17.07
C ASN A 720 -38.11 10.71 16.40
N LEU A 721 -37.97 11.02 15.12
CA LEU A 721 -36.77 10.67 14.37
C LEU A 721 -35.52 11.31 14.99
N SER A 722 -34.55 10.46 15.31
CA SER A 722 -33.36 10.88 16.07
C SER A 722 -32.38 11.74 15.26
N THR A 723 -31.95 11.21 14.12
CA THR A 723 -30.84 11.80 13.38
C THR A 723 -31.18 13.11 12.67
N LEU A 724 -32.45 13.47 12.67
CA LEU A 724 -32.87 14.73 12.07
C LEU A 724 -32.34 15.88 12.91
N LYS A 725 -31.82 16.91 12.25
CA LYS A 725 -31.23 18.05 12.94
C LYS A 725 -31.83 19.36 12.43
N HIS A 726 -31.64 19.63 11.14
CA HIS A 726 -32.18 20.82 10.52
C HIS A 726 -33.43 20.48 9.71
N LEU A 727 -34.55 21.13 10.02
CA LEU A 727 -35.78 20.94 9.26
C LEU A 727 -36.30 22.26 8.73
N LYS A 728 -36.69 22.29 7.46
CA LYS A 728 -37.20 23.52 6.85
C LYS A 728 -38.57 23.31 6.22
N LEU A 729 -39.57 23.97 6.79
CA LEU A 729 -40.93 23.93 6.25
C LEU A 729 -41.27 25.31 5.70
N ALA A 730 -41.25 26.30 6.57
CA ALA A 730 -41.26 27.72 6.17
C ALA A 730 -42.49 28.13 5.36
N SER A 731 -42.24 28.68 4.17
CA SER A 731 -43.33 29.14 3.31
C SER A 731 -43.96 27.94 2.60
N ASN A 732 -45.24 27.72 2.87
CA ASN A 732 -45.97 26.52 2.49
C ASN A 732 -47.38 26.67 3.01
N ASN A 733 -48.27 25.77 2.64
CA ASN A 733 -49.55 25.70 3.33
C ASN A 733 -49.72 24.38 4.06
N LEU A 734 -49.61 24.42 5.38
CA LEU A 734 -49.72 23.23 6.21
C LEU A 734 -50.77 23.47 7.28
N LYS A 735 -51.38 22.39 7.78
CA LYS A 735 -52.48 22.53 8.73
C LYS A 735 -52.28 21.82 10.05
N GLY A 736 -53.03 22.27 11.06
CA GLY A 736 -53.15 21.57 12.32
C GLY A 736 -51.93 21.55 13.22
N HIS A 737 -51.98 20.64 14.20
CA HIS A 737 -50.96 20.49 15.22
C HIS A 737 -49.57 20.28 14.64
N VAL A 738 -48.61 21.06 15.12
CA VAL A 738 -47.21 20.83 14.79
C VAL A 738 -46.60 19.96 15.89
N PRO A 739 -45.96 18.84 15.49
CA PRO A 739 -45.43 17.81 16.39
C PRO A 739 -44.58 18.37 17.53
N GLU A 740 -44.66 17.72 18.69
CA GLU A 740 -44.06 18.23 19.91
C GLU A 740 -42.67 17.68 20.18
N SER A 741 -42.61 16.41 20.56
CA SER A 741 -41.33 15.79 20.95
C SER A 741 -40.49 15.46 19.72
N GLY A 742 -39.28 16.00 19.67
CA GLY A 742 -38.42 15.79 18.52
C GLY A 742 -37.47 16.94 18.28
N VAL A 743 -37.08 17.09 17.01
CA VAL A 743 -36.30 18.25 16.58
C VAL A 743 -37.12 19.52 16.77
N PHE A 744 -38.41 19.34 17.04
CA PHE A 744 -39.32 20.45 17.29
C PHE A 744 -39.10 21.07 18.67
N LYS A 745 -38.27 20.42 19.49
CA LYS A 745 -37.95 20.95 20.81
C LYS A 745 -37.09 22.20 20.72
N ASN A 746 -35.96 22.09 20.01
CA ASN A 746 -35.03 23.20 19.85
C ASN A 746 -35.28 23.99 18.57
N ILE A 747 -36.35 23.64 17.86
CA ILE A 747 -36.67 24.23 16.57
C ILE A 747 -36.78 25.76 16.61
N ASN A 748 -36.36 26.40 15.52
CA ASN A 748 -36.53 27.83 15.35
C ASN A 748 -37.86 28.12 14.67
N ALA A 749 -38.53 29.17 15.12
CA ALA A 749 -39.84 29.54 14.57
C ALA A 749 -39.76 29.76 13.06
N SER A 750 -38.61 30.25 12.60
CA SER A 750 -38.36 30.54 11.20
C SER A 750 -38.70 29.36 10.29
N ASP A 751 -38.35 28.16 10.74
CA ASP A 751 -38.55 26.95 9.95
C ASP A 751 -40.03 26.67 9.68
N LEU A 752 -40.90 27.19 10.54
CA LEU A 752 -42.34 27.00 10.37
C LEU A 752 -43.10 28.17 9.74
N MET A 753 -42.40 29.23 9.34
CA MET A 753 -43.06 30.48 8.99
C MET A 753 -42.72 30.99 7.59
N GLY A 754 -43.68 31.66 6.93
CA GLY A 754 -45.09 31.60 7.28
C GLY A 754 -45.78 30.34 6.80
N ASN A 755 -46.38 29.58 7.72
CA ASN A 755 -47.23 28.45 7.36
C ASN A 755 -48.75 28.64 7.43
N THR A 756 -49.18 29.88 7.66
CA THR A 756 -50.59 30.19 7.93
C THR A 756 -51.06 29.46 9.18
N ASP A 757 -52.01 28.53 9.03
CA ASP A 757 -52.61 27.91 10.21
C ASP A 757 -51.90 26.63 10.66
N LEU A 758 -51.23 26.74 11.80
CA LEU A 758 -50.66 25.58 12.49
C LEU A 758 -50.95 25.74 13.97
N CYS A 759 -51.68 24.79 14.56
CA CYS A 759 -51.99 24.84 15.98
C CYS A 759 -50.74 24.57 16.78
N GLY A 760 -50.54 25.32 17.87
CA GLY A 760 -49.37 25.15 18.71
C GLY A 760 -49.38 26.03 19.94
N ASN B 26 3.17 3.14 4.26
CA ASN B 26 2.48 2.47 5.34
C ASN B 26 2.13 1.02 5.00
N ALA B 27 1.33 0.40 5.86
CA ALA B 27 0.93 -0.99 5.69
C ALA B 27 -0.11 -1.15 4.58
N GLU B 28 -1.02 -0.18 4.49
CA GLU B 28 -2.09 -0.23 3.49
C GLU B 28 -1.54 -0.10 2.08
N GLY B 29 -0.57 0.79 1.92
CA GLY B 29 0.12 0.95 0.64
C GLY B 29 0.81 -0.34 0.25
N ASP B 30 1.35 -1.03 1.25
CA ASP B 30 2.01 -2.30 1.04
C ASP B 30 1.01 -3.38 0.61
N ALA B 31 -0.17 -3.36 1.23
CA ALA B 31 -1.24 -4.30 0.89
C ALA B 31 -1.65 -4.13 -0.56
N LEU B 32 -1.93 -2.88 -0.94
CA LEU B 32 -2.31 -2.60 -2.32
C LEU B 32 -1.18 -2.90 -3.28
N SER B 33 0.06 -2.78 -2.82
CA SER B 33 1.22 -3.11 -3.63
C SER B 33 1.24 -4.60 -3.90
N ALA B 34 0.87 -5.37 -2.87
CA ALA B 34 0.76 -6.81 -3.00
C ALA B 34 -0.32 -7.15 -4.02
N LEU B 35 -1.45 -6.47 -3.94
CA LEU B 35 -2.52 -6.67 -4.93
C LEU B 35 -2.02 -6.37 -6.34
N LYS B 36 -1.27 -5.29 -6.47
CA LYS B 36 -0.72 -4.85 -7.75
C LYS B 36 0.25 -5.88 -8.34
N ASN B 37 1.03 -6.51 -7.48
CA ASN B 37 1.98 -7.53 -7.92
C ASN B 37 1.30 -8.80 -8.41
N SER B 38 0.10 -9.07 -7.90
CA SER B 38 -0.65 -10.25 -8.26
C SER B 38 -1.46 -10.04 -9.53
N LEU B 39 -1.38 -8.84 -10.08
CA LEU B 39 -2.20 -8.48 -11.23
C LEU B 39 -1.41 -8.00 -12.45
N ALA B 40 -1.82 -8.49 -13.61
CA ALA B 40 -1.36 -8.00 -14.90
C ALA B 40 -2.24 -6.84 -15.33
N ASP B 41 -1.58 -5.75 -15.73
CA ASP B 41 -2.21 -4.46 -15.95
C ASP B 41 -1.79 -3.88 -17.30
N PRO B 42 -2.47 -4.32 -18.38
CA PRO B 42 -2.17 -3.88 -19.75
C PRO B 42 -2.57 -2.42 -20.00
N ASN B 43 -3.57 -1.94 -19.27
CA ASN B 43 -4.06 -0.58 -19.45
C ASN B 43 -3.28 0.44 -18.64
N LYS B 44 -2.28 -0.04 -17.90
CA LYS B 44 -1.40 0.81 -17.10
C LYS B 44 -2.18 1.61 -16.05
N VAL B 45 -3.30 1.06 -15.61
CA VAL B 45 -4.17 1.69 -14.62
C VAL B 45 -3.45 1.88 -13.28
N LEU B 46 -2.63 0.90 -12.91
CA LEU B 46 -1.95 0.91 -11.62
C LEU B 46 -0.59 1.58 -11.67
N GLN B 47 -0.26 2.17 -12.83
CA GLN B 47 0.98 2.92 -13.01
C GLN B 47 1.13 3.95 -11.89
N SER B 48 0.01 4.52 -11.49
CA SER B 48 -0.04 5.52 -10.43
C SER B 48 0.39 4.98 -9.06
N TRP B 49 0.53 3.67 -8.93
CA TRP B 49 0.76 3.09 -7.62
C TRP B 49 2.24 2.95 -7.32
N ASP B 50 2.72 3.78 -6.39
CA ASP B 50 4.12 3.76 -5.98
C ASP B 50 4.23 3.33 -4.52
N ALA B 51 4.78 2.14 -4.30
CA ALA B 51 4.88 1.56 -2.97
C ALA B 51 5.76 2.38 -2.02
N THR B 52 6.57 3.27 -2.59
CA THR B 52 7.53 4.05 -1.80
C THR B 52 6.88 5.26 -1.12
N LEU B 53 5.62 5.53 -1.45
CA LEU B 53 4.91 6.66 -0.87
C LEU B 53 4.43 6.37 0.56
N VAL B 54 4.34 7.41 1.39
CA VAL B 54 3.98 7.24 2.78
C VAL B 54 2.58 6.64 2.96
N THR B 55 1.65 7.01 2.09
CA THR B 55 0.33 6.39 2.04
C THR B 55 -0.01 6.14 0.58
N PRO B 56 -0.94 5.20 0.32
CA PRO B 56 -1.37 5.12 -1.08
C PRO B 56 -2.58 6.00 -1.31
N CYS B 57 -2.57 7.23 -0.80
CA CYS B 57 -3.76 8.07 -0.94
C CYS B 57 -3.73 8.98 -2.15
N THR B 58 -2.57 9.12 -2.75
CA THR B 58 -2.42 9.91 -3.97
C THR B 58 -2.47 9.00 -5.19
N TRP B 59 -2.63 7.70 -4.94
CA TRP B 59 -2.73 6.74 -6.02
C TRP B 59 -4.08 6.90 -6.70
N PHE B 60 -4.09 6.77 -8.02
CA PHE B 60 -5.34 6.84 -8.77
C PHE B 60 -6.13 5.58 -8.57
N HIS B 61 -7.45 5.70 -8.65
CA HIS B 61 -8.36 4.58 -8.42
C HIS B 61 -8.23 4.06 -7.00
N VAL B 62 -7.73 4.93 -6.13
CA VAL B 62 -7.67 4.67 -4.70
C VAL B 62 -8.09 5.95 -3.99
N THR B 63 -9.04 5.85 -3.07
CA THR B 63 -9.49 7.01 -2.33
C THR B 63 -9.51 6.73 -0.83
N CYS B 64 -8.92 7.64 -0.05
CA CYS B 64 -8.84 7.47 1.40
C CYS B 64 -9.71 8.50 2.10
N ASN B 65 -9.71 8.47 3.43
CA ASN B 65 -10.41 9.46 4.22
C ASN B 65 -9.45 10.50 4.78
N SER B 66 -9.99 11.43 5.56
CA SER B 66 -9.20 12.53 6.13
C SER B 66 -8.06 12.03 7.02
N ASP B 67 -8.20 10.81 7.52
CA ASP B 67 -7.17 10.20 8.37
C ASP B 67 -6.19 9.35 7.57
N ASN B 68 -6.34 9.37 6.25
CA ASN B 68 -5.44 8.68 5.31
C ASN B 68 -5.63 7.17 5.19
N SER B 69 -6.59 6.62 5.94
CA SER B 69 -6.94 5.21 5.79
C SER B 69 -7.76 5.01 4.52
N VAL B 70 -7.42 3.97 3.76
CA VAL B 70 -8.09 3.68 2.50
C VAL B 70 -9.57 3.36 2.69
N THR B 71 -10.43 4.07 1.98
CA THR B 71 -11.88 3.86 2.04
C THR B 71 -12.36 3.09 0.83
N ARG B 72 -12.15 3.66 -0.35
CA ARG B 72 -12.59 3.03 -1.59
C ARG B 72 -11.43 2.53 -2.43
N VAL B 73 -11.70 1.47 -3.20
CA VAL B 73 -10.78 1.02 -4.25
C VAL B 73 -11.63 0.78 -5.49
N ASP B 74 -11.41 1.57 -6.54
CA ASP B 74 -12.20 1.36 -7.75
C ASP B 74 -11.34 0.86 -8.89
N LEU B 75 -11.38 -0.44 -9.13
CA LEU B 75 -10.69 -1.07 -10.24
C LEU B 75 -11.60 -1.52 -11.39
N GLY B 76 -12.91 -1.26 -11.27
CA GLY B 76 -13.89 -1.74 -12.23
C GLY B 76 -13.60 -1.40 -13.68
N ASN B 77 -13.73 -2.41 -14.54
CA ASN B 77 -13.49 -2.27 -15.98
C ASN B 77 -12.10 -1.75 -16.33
N ALA B 78 -11.08 -2.24 -15.63
CA ALA B 78 -9.70 -1.86 -15.90
C ALA B 78 -9.01 -2.86 -16.82
N ASN B 79 -9.77 -3.89 -17.23
CA ASN B 79 -9.22 -4.99 -18.03
C ASN B 79 -7.94 -5.58 -17.44
N LEU B 80 -7.94 -5.80 -16.13
CA LEU B 80 -6.80 -6.42 -15.46
C LEU B 80 -6.93 -7.92 -15.63
N SER B 81 -5.92 -8.65 -15.17
CA SER B 81 -5.99 -10.11 -15.18
C SER B 81 -5.14 -10.65 -14.04
N GLY B 82 -5.58 -11.72 -13.38
CA GLY B 82 -4.77 -12.26 -12.30
C GLY B 82 -5.55 -12.90 -11.17
N GLN B 83 -4.93 -12.95 -10.00
CA GLN B 83 -5.58 -13.46 -8.82
C GLN B 83 -5.70 -12.38 -7.74
N LEU B 84 -6.68 -12.55 -6.86
CA LEU B 84 -6.81 -11.66 -5.71
C LEU B 84 -5.69 -11.96 -4.72
N VAL B 85 -5.70 -11.26 -3.60
CA VAL B 85 -4.65 -11.41 -2.61
C VAL B 85 -5.23 -11.41 -1.21
N MET B 86 -4.53 -12.02 -0.26
CA MET B 86 -5.00 -12.08 1.13
C MET B 86 -4.89 -10.72 1.81
N GLN B 87 -3.90 -9.93 1.39
CA GLN B 87 -3.64 -8.62 1.97
C GLN B 87 -4.79 -7.64 1.76
N LEU B 88 -5.79 -8.05 0.99
CA LEU B 88 -7.01 -7.27 0.85
C LEU B 88 -7.75 -7.16 2.19
N GLY B 89 -7.37 -7.98 3.16
CA GLY B 89 -7.92 -7.87 4.51
C GLY B 89 -7.22 -6.81 5.34
N GLN B 90 -6.16 -6.21 4.78
CA GLN B 90 -5.29 -5.30 5.51
C GLN B 90 -5.79 -3.86 5.48
N LEU B 91 -6.99 -3.67 4.94
CA LEU B 91 -7.56 -2.34 4.80
C LEU B 91 -8.80 -2.23 5.68
N PRO B 92 -8.60 -1.93 6.97
CA PRO B 92 -9.68 -1.91 7.97
C PRO B 92 -10.82 -0.97 7.61
N ASN B 93 -10.50 0.19 7.04
CA ASN B 93 -11.53 1.18 6.72
C ASN B 93 -12.10 1.06 5.31
N LEU B 94 -11.65 0.05 4.56
CA LEU B 94 -12.14 -0.18 3.21
C LEU B 94 -13.65 -0.34 3.23
N GLN B 95 -14.33 0.47 2.43
CA GLN B 95 -15.79 0.46 2.35
C GLN B 95 -16.28 -0.08 1.02
N TYR B 96 -15.89 0.58 -0.07
CA TYR B 96 -16.25 0.13 -1.40
C TYR B 96 -15.08 -0.54 -2.11
N LEU B 97 -15.24 -1.82 -2.45
CA LEU B 97 -14.22 -2.53 -3.20
C LEU B 97 -14.77 -2.92 -4.58
N GLU B 98 -14.29 -2.26 -5.63
CA GLU B 98 -14.80 -2.58 -6.95
C GLU B 98 -13.72 -3.20 -7.84
N LEU B 99 -13.77 -4.52 -7.98
CA LEU B 99 -12.95 -5.24 -8.95
C LEU B 99 -13.74 -5.71 -10.18
N TYR B 100 -15.03 -5.36 -10.20
CA TYR B 100 -15.96 -5.92 -11.17
C TYR B 100 -15.58 -5.69 -12.63
N SER B 101 -16.02 -6.60 -13.49
CA SER B 101 -15.74 -6.55 -14.93
C SER B 101 -14.26 -6.58 -15.28
N ASN B 102 -13.56 -7.59 -14.78
CA ASN B 102 -12.17 -7.84 -15.17
C ASN B 102 -11.95 -9.31 -15.50
N ASN B 103 -10.71 -9.65 -15.89
CA ASN B 103 -10.36 -11.02 -16.24
C ASN B 103 -9.77 -11.80 -15.05
N ILE B 104 -9.80 -11.17 -13.88
CA ILE B 104 -9.23 -11.74 -12.66
C ILE B 104 -9.77 -13.14 -12.33
N THR B 105 -8.85 -14.03 -11.99
CA THR B 105 -9.19 -15.43 -11.67
C THR B 105 -8.80 -15.78 -10.24
N GLY B 106 -8.98 -17.05 -9.88
CA GLY B 106 -8.66 -17.52 -8.55
C GLY B 106 -9.87 -17.58 -7.63
N THR B 107 -9.62 -17.62 -6.32
CA THR B 107 -10.71 -17.66 -5.36
C THR B 107 -10.91 -16.32 -4.64
N ILE B 108 -11.87 -16.30 -3.72
CA ILE B 108 -12.14 -15.13 -2.89
C ILE B 108 -11.59 -15.37 -1.50
N PRO B 109 -10.49 -14.68 -1.14
CA PRO B 109 -9.79 -14.88 0.14
C PRO B 109 -10.71 -14.65 1.34
N GLU B 110 -10.64 -15.56 2.31
CA GLU B 110 -11.49 -15.48 3.50
C GLU B 110 -11.18 -14.26 4.35
N GLN B 111 -9.98 -13.70 4.16
CA GLN B 111 -9.55 -12.53 4.92
C GLN B 111 -10.38 -11.29 4.56
N LEU B 112 -11.19 -11.39 3.51
CA LEU B 112 -12.14 -10.33 3.18
C LEU B 112 -13.16 -10.16 4.29
N GLY B 113 -13.27 -11.17 5.15
CA GLY B 113 -14.14 -11.08 6.32
C GLY B 113 -13.57 -10.13 7.36
N ASN B 114 -12.25 -9.95 7.35
CA ASN B 114 -11.58 -9.14 8.37
C ASN B 114 -11.86 -7.65 8.24
N LEU B 115 -12.55 -7.26 7.18
CA LEU B 115 -12.92 -5.86 6.99
C LEU B 115 -14.10 -5.53 7.89
N THR B 116 -13.92 -4.59 8.79
CA THR B 116 -14.95 -4.27 9.78
C THR B 116 -16.11 -3.52 9.13
N GLU B 117 -15.87 -2.29 8.71
CA GLU B 117 -16.90 -1.55 8.00
C GLU B 117 -16.61 -1.55 6.50
N LEU B 118 -17.37 -2.34 5.77
CA LEU B 118 -17.24 -2.48 4.32
C LEU B 118 -18.64 -2.40 3.76
N VAL B 119 -18.93 -1.34 3.00
CA VAL B 119 -20.29 -1.11 2.52
C VAL B 119 -20.67 -1.93 1.28
N SER B 120 -19.78 -1.97 0.29
CA SER B 120 -20.08 -2.62 -0.97
C SER B 120 -18.96 -3.53 -1.46
N LEU B 121 -19.30 -4.79 -1.71
CA LEU B 121 -18.33 -5.74 -2.27
C LEU B 121 -18.77 -6.18 -3.66
N ASP B 122 -18.10 -5.69 -4.70
CA ASP B 122 -18.44 -6.12 -6.06
C ASP B 122 -17.30 -6.86 -6.74
N LEU B 123 -17.43 -8.19 -6.81
CA LEU B 123 -16.52 -9.01 -7.62
C LEU B 123 -17.13 -9.43 -8.96
N TYR B 124 -18.33 -8.97 -9.24
CA TYR B 124 -19.13 -9.52 -10.34
C TYR B 124 -18.49 -9.33 -11.71
N LEU B 125 -18.92 -10.15 -12.67
CA LEU B 125 -18.31 -10.19 -14.01
C LEU B 125 -16.83 -10.50 -13.98
N ASN B 126 -16.48 -11.60 -13.31
CA ASN B 126 -15.10 -12.08 -13.26
C ASN B 126 -15.01 -13.60 -13.43
N ASN B 127 -13.79 -14.10 -13.60
CA ASN B 127 -13.56 -15.53 -13.78
C ASN B 127 -13.28 -16.25 -12.46
N LEU B 128 -13.43 -15.53 -11.34
CA LEU B 128 -13.16 -16.06 -10.01
C LEU B 128 -13.89 -17.38 -9.75
N SER B 129 -13.20 -18.33 -9.14
CA SER B 129 -13.77 -19.65 -8.89
C SER B 129 -13.71 -20.04 -7.41
N GLY B 130 -14.18 -21.24 -7.10
CA GLY B 130 -14.18 -21.75 -5.75
C GLY B 130 -15.45 -21.38 -4.98
N PRO B 131 -15.47 -21.67 -3.68
CA PRO B 131 -16.59 -21.38 -2.79
C PRO B 131 -16.66 -19.91 -2.37
N ILE B 132 -17.85 -19.48 -1.94
CA ILE B 132 -17.99 -18.19 -1.30
C ILE B 132 -17.72 -18.39 0.18
N PRO B 133 -16.61 -17.84 0.68
CA PRO B 133 -16.18 -18.02 2.08
C PRO B 133 -17.24 -17.57 3.09
N SER B 134 -17.36 -18.31 4.18
CA SER B 134 -18.33 -18.01 5.22
C SER B 134 -18.00 -16.69 5.92
N THR B 135 -16.72 -16.32 5.87
CA THR B 135 -16.24 -15.07 6.45
C THR B 135 -16.92 -13.84 5.83
N LEU B 136 -17.52 -14.02 4.66
CA LEU B 136 -18.26 -12.95 4.01
C LEU B 136 -19.52 -12.57 4.79
N GLY B 137 -19.83 -13.33 5.84
CA GLY B 137 -20.98 -13.02 6.66
C GLY B 137 -20.63 -12.30 7.95
N ARG B 138 -19.34 -12.02 8.16
CA ARG B 138 -18.93 -11.32 9.38
C ARG B 138 -18.79 -9.81 9.19
N LEU B 139 -19.06 -9.32 7.98
CA LEU B 139 -19.12 -7.88 7.77
C LEU B 139 -20.56 -7.46 7.90
N LYS B 140 -20.89 -6.77 8.99
CA LYS B 140 -22.28 -6.46 9.31
C LYS B 140 -22.70 -5.11 8.74
N LYS B 141 -21.75 -4.40 8.13
CA LYS B 141 -22.02 -3.10 7.54
C LYS B 141 -22.29 -3.24 6.04
N LEU B 142 -22.23 -4.47 5.54
CA LEU B 142 -22.34 -4.74 4.10
C LEU B 142 -23.75 -4.46 3.57
N ARG B 143 -23.83 -3.69 2.50
CA ARG B 143 -25.09 -3.46 1.82
C ARG B 143 -25.14 -4.16 0.46
N PHE B 144 -24.24 -3.77 -0.43
CA PHE B 144 -24.22 -4.33 -1.78
C PHE B 144 -23.19 -5.45 -1.92
N LEU B 145 -23.69 -6.66 -2.16
CA LEU B 145 -22.83 -7.79 -2.49
C LEU B 145 -23.22 -8.33 -3.86
N ARG B 146 -22.37 -8.13 -4.86
CA ARG B 146 -22.65 -8.71 -6.16
C ARG B 146 -21.51 -9.63 -6.61
N LEU B 147 -21.77 -10.93 -6.56
CA LEU B 147 -20.83 -11.93 -7.04
C LEU B 147 -21.20 -12.48 -8.41
N ASN B 148 -22.27 -11.95 -8.99
CA ASN B 148 -22.89 -12.54 -10.18
C ASN B 148 -21.99 -12.59 -11.41
N ASN B 149 -22.34 -13.49 -12.32
CA ASN B 149 -21.56 -13.72 -13.53
C ASN B 149 -20.12 -14.10 -13.21
N ASN B 150 -19.95 -15.24 -12.56
CA ASN B 150 -18.64 -15.75 -12.19
C ASN B 150 -18.54 -17.26 -12.35
N SER B 151 -17.43 -17.82 -11.92
CA SER B 151 -17.23 -19.26 -11.90
C SER B 151 -17.46 -19.90 -10.53
N LEU B 152 -17.87 -19.10 -9.56
CA LEU B 152 -17.99 -19.53 -8.15
C LEU B 152 -18.80 -20.82 -7.98
N SER B 153 -18.25 -21.74 -7.19
CA SER B 153 -18.87 -23.04 -6.96
C SER B 153 -18.77 -23.49 -5.51
N GLY B 154 -19.91 -23.86 -4.91
CA GLY B 154 -19.94 -24.25 -3.52
C GLY B 154 -21.30 -24.01 -2.87
N GLU B 155 -21.30 -23.85 -1.56
CA GLU B 155 -22.54 -23.63 -0.81
C GLU B 155 -22.60 -22.22 -0.23
N ILE B 156 -23.81 -21.69 -0.10
CA ILE B 156 -24.00 -20.34 0.44
C ILE B 156 -23.84 -20.31 1.96
N PRO B 157 -22.97 -19.42 2.45
CA PRO B 157 -22.79 -19.22 3.90
C PRO B 157 -24.07 -18.73 4.56
N ARG B 158 -24.43 -19.33 5.68
CA ARG B 158 -25.65 -18.95 6.39
C ARG B 158 -25.51 -17.55 7.00
N SER B 159 -24.27 -17.11 7.19
CA SER B 159 -24.01 -15.84 7.86
C SER B 159 -24.40 -14.66 6.97
N LEU B 160 -24.63 -14.94 5.70
CA LEU B 160 -25.14 -13.93 4.77
C LEU B 160 -26.59 -13.61 5.12
N THR B 161 -27.24 -14.50 5.86
CA THR B 161 -28.57 -14.23 6.39
C THR B 161 -28.48 -13.49 7.72
N ALA B 162 -27.27 -13.46 8.29
CA ALA B 162 -27.05 -12.82 9.57
C ALA B 162 -26.85 -11.30 9.48
N VAL B 163 -26.27 -10.85 8.36
CA VAL B 163 -25.85 -9.46 8.22
C VAL B 163 -26.98 -8.42 8.09
N LEU B 164 -28.10 -8.85 7.51
CA LEU B 164 -29.37 -8.10 7.59
C LEU B 164 -29.44 -6.75 6.89
N THR B 165 -28.30 -6.18 6.50
CA THR B 165 -28.32 -4.87 5.88
C THR B 165 -28.68 -5.06 4.41
N LEU B 166 -27.72 -5.53 3.63
CA LEU B 166 -28.00 -6.23 2.36
C LEU B 166 -29.08 -5.66 1.45
N GLN B 167 -29.07 -4.36 1.17
CA GLN B 167 -30.14 -3.81 0.34
C GLN B 167 -30.19 -4.49 -1.04
N VAL B 168 -29.05 -5.00 -1.51
CA VAL B 168 -28.96 -5.71 -2.78
C VAL B 168 -28.00 -6.90 -2.70
N LEU B 169 -28.45 -8.07 -3.12
CA LEU B 169 -27.54 -9.18 -3.39
C LEU B 169 -27.86 -9.75 -4.77
N ASP B 170 -26.97 -9.52 -5.74
CA ASP B 170 -27.28 -9.89 -7.11
C ASP B 170 -26.68 -11.23 -7.52
N LEU B 171 -26.05 -11.91 -6.58
CA LEU B 171 -25.24 -13.09 -6.92
C LEU B 171 -26.01 -14.14 -7.74
N SER B 172 -25.46 -14.48 -8.90
CA SER B 172 -26.13 -15.37 -9.84
C SER B 172 -25.13 -15.80 -10.91
N ASN B 173 -25.61 -16.59 -11.88
CA ASN B 173 -24.78 -16.98 -13.02
C ASN B 173 -23.54 -17.83 -12.72
N ASN B 174 -23.25 -18.03 -11.44
CA ASN B 174 -22.21 -18.98 -11.04
C ASN B 174 -22.79 -20.18 -10.30
N PRO B 175 -22.60 -21.39 -10.86
CA PRO B 175 -23.22 -22.59 -10.30
C PRO B 175 -22.73 -22.90 -8.88
N LEU B 176 -23.68 -23.01 -7.96
CA LEU B 176 -23.37 -23.23 -6.55
C LEU B 176 -24.21 -24.35 -5.97
N THR B 177 -25.51 -24.09 -5.92
CA THR B 177 -26.52 -24.91 -5.26
C THR B 177 -26.31 -25.16 -3.77
N GLY B 178 -26.66 -26.37 -3.36
CA GLY B 178 -26.61 -26.83 -1.99
C GLY B 178 -27.87 -26.45 -1.23
N ASP B 179 -28.46 -25.32 -1.61
CA ASP B 179 -29.82 -24.88 -1.23
C ASP B 179 -30.01 -23.43 -1.66
N ILE B 180 -31.22 -22.91 -1.51
CA ILE B 180 -31.41 -21.46 -1.46
C ILE B 180 -31.96 -21.06 -0.09
N PRO B 181 -31.10 -20.47 0.77
CA PRO B 181 -31.55 -20.13 2.12
C PRO B 181 -32.57 -19.01 2.16
N VAL B 182 -33.68 -19.25 2.86
CA VAL B 182 -34.65 -18.22 3.20
C VAL B 182 -34.41 -17.71 4.64
N ASN B 183 -33.28 -18.09 5.22
CA ASN B 183 -33.00 -17.98 6.66
C ASN B 183 -33.25 -16.58 7.25
N GLY B 184 -33.61 -15.64 6.36
CA GLY B 184 -34.24 -14.39 6.76
C GLY B 184 -33.61 -13.02 6.51
N SER B 185 -32.36 -12.96 6.09
CA SER B 185 -31.91 -11.75 5.41
C SER B 185 -32.05 -11.94 3.89
N PHE B 186 -32.30 -13.19 3.49
CA PHE B 186 -32.60 -13.50 2.11
C PHE B 186 -34.11 -13.47 1.91
N SER B 187 -34.83 -13.19 2.98
CA SER B 187 -36.29 -13.11 2.93
C SER B 187 -36.72 -11.93 2.06
N LEU B 188 -35.82 -10.97 1.93
CA LEU B 188 -36.12 -9.72 1.23
C LEU B 188 -35.74 -9.74 -0.25
N PHE B 189 -35.26 -10.88 -0.75
CA PHE B 189 -34.75 -10.92 -2.12
C PHE B 189 -35.73 -11.45 -3.18
N THR B 190 -35.82 -10.71 -4.29
CA THR B 190 -36.81 -10.88 -5.35
C THR B 190 -36.52 -12.08 -6.26
N PRO B 191 -35.37 -12.71 -6.02
CA PRO B 191 -34.82 -13.84 -6.79
C PRO B 191 -34.60 -13.73 -8.33
N ILE B 192 -34.14 -12.56 -8.85
CA ILE B 192 -33.09 -12.56 -9.88
C ILE B 192 -31.79 -12.83 -9.16
N SER B 193 -31.87 -12.66 -7.84
CA SER B 193 -30.77 -12.77 -6.91
C SER B 193 -30.16 -14.17 -6.87
N PHE B 194 -30.75 -15.10 -7.61
CA PHE B 194 -30.21 -16.45 -7.67
C PHE B 194 -29.99 -16.97 -9.10
N ALA B 195 -31.05 -17.06 -9.90
CA ALA B 195 -30.92 -17.08 -11.37
C ALA B 195 -29.86 -18.02 -11.96
N ASN B 196 -30.17 -19.31 -12.01
CA ASN B 196 -29.24 -20.36 -12.43
C ASN B 196 -28.02 -20.45 -11.51
N THR B 197 -28.31 -20.82 -10.27
CA THR B 197 -27.29 -21.25 -9.31
C THR B 197 -27.26 -22.78 -9.29
N LYS B 198 -28.03 -23.40 -10.19
CA LYS B 198 -28.35 -24.82 -10.12
C LYS B 198 -28.99 -25.06 -8.76
N LEU B 199 -29.90 -24.15 -8.41
CA LEU B 199 -30.17 -23.84 -7.01
C LEU B 199 -31.11 -24.77 -6.24
N THR B 200 -32.40 -24.64 -6.51
CA THR B 200 -33.44 -25.32 -5.73
C THR B 200 -34.82 -24.99 -6.28
N GLN C 1 27.83 -16.70 -0.24
CA GLN C 1 28.64 -16.55 0.97
C GLN C 1 28.77 -17.87 1.72
N ARG C 2 30.00 -18.27 2.00
CA ARG C 2 30.29 -19.48 2.76
C ARG C 2 29.75 -19.36 4.18
N LEU C 3 29.49 -20.50 4.81
CA LEU C 3 28.99 -20.52 6.17
C LEU C 3 30.11 -20.18 7.14
N SER C 4 31.34 -20.32 6.68
CA SER C 4 32.52 -20.10 7.52
C SER C 4 32.73 -18.62 7.85
N THR C 5 32.62 -17.77 6.83
CA THR C 5 32.85 -16.33 7.02
C THR C 5 31.77 -15.68 7.87
N GLY C 6 30.66 -16.39 8.05
CA GLY C 6 29.61 -15.93 8.94
C GLY C 6 28.69 -14.88 8.36
N SER C 7 27.83 -14.33 9.20
CA SER C 7 26.89 -13.29 8.79
C SER C 7 27.64 -11.97 8.64
N ARG C 8 27.57 -11.37 7.46
CA ARG C 8 28.25 -10.12 7.22
C ARG C 8 27.42 -8.93 7.71
N ILE C 9 27.98 -7.73 7.57
CA ILE C 9 27.35 -6.54 8.12
C ILE C 9 26.17 -6.08 7.27
N ASN C 10 26.28 -6.23 5.95
CA ASN C 10 25.25 -5.76 5.04
C ASN C 10 24.17 -6.79 4.74
N SER C 11 24.25 -7.94 5.41
CA SER C 11 23.26 -9.00 5.24
C SER C 11 21.87 -8.60 5.72
N ALA C 12 21.80 -7.53 6.51
CA ALA C 12 20.53 -7.00 7.00
C ALA C 12 20.30 -5.60 6.42
N LYS C 13 19.04 -5.20 6.33
CA LYS C 13 18.68 -3.95 5.66
C LYS C 13 18.64 -2.75 6.58
N ASP C 14 18.40 -1.58 5.99
CA ASP C 14 18.17 -0.34 6.71
C ASP C 14 16.69 -0.01 6.57
N ASP C 15 16.12 0.67 7.56
CA ASP C 15 14.71 0.99 7.50
C ASP C 15 14.51 2.10 6.47
N ALA C 16 13.73 1.80 5.44
CA ALA C 16 13.51 2.76 4.38
C ALA C 16 12.37 3.68 4.77
N ALA C 17 12.51 4.95 4.41
CA ALA C 17 11.51 5.95 4.78
C ALA C 17 10.63 6.28 3.58
N GLY C 18 9.37 6.58 3.85
CA GLY C 18 8.42 6.89 2.80
C GLY C 18 8.65 8.23 2.13
N LEU C 19 7.86 8.48 1.09
CA LEU C 19 7.93 9.74 0.35
C LEU C 19 6.65 10.53 0.60
N GLN C 20 6.80 11.81 0.92
CA GLN C 20 5.64 12.67 1.09
C GLN C 20 5.33 13.52 -0.14
N ILE C 21 4.05 13.58 -0.46
CA ILE C 21 3.56 14.29 -1.64
C ILE C 21 2.40 15.20 -1.28
#